data_4WHJ
#
_entry.id   4WHJ
#
_cell.length_a   53.185
_cell.length_b   80.782
_cell.length_c   183.666
_cell.angle_alpha   90.000
_cell.angle_beta   95.730
_cell.angle_gamma   90.000
#
_symmetry.space_group_name_H-M   'P 1 21 1'
#
_entity_poly.entity_id   1
_entity_poly.type   'polypeptide(L)'
_entity_poly.pdbx_seq_one_letter_code
;MGSSHHHHHHSQDPGPENNLYSQYEQKVRPCIDLIDSLRALGVEQDLALPAIAVIGDQSSGKSSVLEALSGVALPRGSGI
VTRCPLVLKLKKQPCEAWAGRISYRNTELELQDPGQVEKEIHKAQNVMAGNGRGISHELISLEITSPEVPDLTIIDLPGI
TRVAVDNQPRDIGLQIKALIKKYIQRQQTINLVVVPCNVDIATTEALSMAHEVDPEGDRTIGILTKPDLMDRGTEKSVMN
VVRNLTYPLKKGYMIVKCRGQQEITNRLSLAEATKKEITFFQTHPYFRVLLEEGSATVPRLAERLTTELIMHIQKSLPLL
EGQIRESHQKATEELRRCGADIPSQEADKMFFLIEKIKMFNQDIEKLVEGEEVVRENETRLYNKIREDFKNWVGILATNT
QKVKNIIHEEVEKYEKQAAAAELLGFVNYKTFEIIVHQYIQQLVEPALSMLQKAMEIIQQAFINVAKKHFGEFFNLNQTV
QSTIEDIKVKHTAKAENMIQLQFRMEQMVFCQDQIYSVVLKKVREEIFNPLGTPSQNMKLNSHFPSNESSVSSFTEIGIH
LNAYFLETSKRLANQIPFIIQYFMLRENGDSLQKAMMQILQEKNRYSWLLQEQSETATKRRILKERIYRLTQARHALCQF
SSKEIH
;
_entity_poly.pdbx_strand_id   A,B
#
# COMPACT_ATOMS: atom_id res chain seq x y z
N TYR A 24 -91.37 8.14 -7.60
CA TYR A 24 -91.98 9.02 -6.61
C TYR A 24 -91.34 8.79 -5.24
N GLU A 25 -92.16 8.37 -4.28
CA GLU A 25 -91.70 8.09 -2.92
C GLU A 25 -90.65 6.99 -2.91
N GLN A 26 -90.91 5.93 -3.69
CA GLN A 26 -90.01 4.79 -3.79
C GLN A 26 -88.69 5.17 -4.43
N LYS A 27 -88.63 6.36 -5.02
CA LYS A 27 -87.39 6.86 -5.60
C LYS A 27 -86.64 7.75 -4.62
N VAL A 28 -87.37 8.50 -3.81
CA VAL A 28 -86.76 9.45 -2.90
C VAL A 28 -86.32 8.84 -1.57
N ARG A 29 -86.97 7.77 -1.13
CA ARG A 29 -86.58 7.14 0.13
C ARG A 29 -85.20 6.46 0.07
N PRO A 30 -84.96 5.57 -0.92
CA PRO A 30 -83.61 5.00 -0.97
C PRO A 30 -82.56 6.02 -1.39
N CYS A 31 -83.01 7.10 -2.00
CA CYS A 31 -82.13 8.19 -2.41
C CYS A 31 -81.40 8.79 -1.21
N ILE A 32 -82.17 9.11 -0.17
CA ILE A 32 -81.58 9.63 1.05
C ILE A 32 -81.01 8.50 1.92
N ASP A 33 -81.58 7.30 1.80
CA ASP A 33 -81.05 6.15 2.52
C ASP A 33 -79.60 5.87 2.12
N LEU A 34 -79.29 6.13 0.85
CA LEU A 34 -77.93 5.96 0.34
C LEU A 34 -76.95 6.88 1.07
N ILE A 35 -77.26 8.18 1.08
CA ILE A 35 -76.40 9.17 1.71
C ILE A 35 -76.32 8.92 3.22
N ASP A 36 -77.43 8.52 3.83
CA ASP A 36 -77.46 8.18 5.24
C ASP A 36 -76.51 7.01 5.54
N SER A 37 -76.51 6.02 4.66
CA SER A 37 -75.63 4.87 4.80
C SER A 37 -74.18 5.29 4.61
N LEU A 38 -73.96 6.24 3.71
CA LEU A 38 -72.62 6.74 3.43
C LEU A 38 -72.05 7.49 4.62
N ARG A 39 -72.88 8.31 5.26
CA ARG A 39 -72.43 9.09 6.42
C ARG A 39 -72.32 8.23 7.67
N ALA A 40 -73.14 7.18 7.74
CA ALA A 40 -73.07 6.23 8.84
C ALA A 40 -71.71 5.54 8.85
N LEU A 41 -71.18 5.28 7.67
CA LEU A 41 -69.87 4.69 7.50
C LEU A 41 -68.85 5.69 6.98
N GLY A 42 -69.16 6.98 7.16
CA GLY A 42 -68.41 8.07 6.56
C GLY A 42 -66.89 8.01 6.71
N VAL A 43 -66.10 8.31 5.66
CA VAL A 43 -66.45 8.73 4.29
C VAL A 43 -67.12 10.13 4.23
N GLU A 44 -67.37 10.73 5.39
CA GLU A 44 -67.77 12.13 5.41
C GLU A 44 -66.53 12.99 5.26
N GLN A 45 -65.40 12.41 5.66
CA GLN A 45 -64.11 13.07 5.58
C GLN A 45 -63.51 12.94 4.18
N ASP A 46 -62.67 13.91 3.82
CA ASP A 46 -61.89 13.89 2.58
C ASP A 46 -62.74 13.95 1.32
N LEU A 47 -64.03 14.21 1.48
CA LEU A 47 -64.93 14.40 0.34
C LEU A 47 -66.22 15.07 0.80
N ALA A 48 -66.86 15.78 -0.13
CA ALA A 48 -68.11 16.47 0.18
C ALA A 48 -69.30 15.53 0.10
N LEU A 49 -70.15 15.57 1.11
CA LEU A 49 -71.33 14.71 1.17
C LEU A 49 -72.59 15.54 1.40
N PRO A 50 -73.60 15.37 0.52
CA PRO A 50 -74.87 16.11 0.56
C PRO A 50 -75.55 16.08 1.92
N ALA A 51 -75.91 17.26 2.42
CA ALA A 51 -76.56 17.39 3.72
C ALA A 51 -77.24 18.75 3.86
N ILE A 52 -78.03 18.90 4.92
CA ILE A 52 -78.64 20.18 5.23
C ILE A 52 -78.25 20.62 6.64
N ALA A 53 -77.56 21.75 6.74
CA ALA A 53 -77.07 22.23 8.03
C ALA A 53 -77.97 23.30 8.63
N VAL A 54 -78.37 23.09 9.88
CA VAL A 54 -79.19 24.06 10.60
C VAL A 54 -78.31 25.01 11.39
N ILE A 55 -78.35 26.29 11.03
CA ILE A 55 -77.52 27.30 11.69
C ILE A 55 -78.35 28.44 12.23
N GLY A 56 -78.01 28.89 13.44
CA GLY A 56 -78.71 29.98 14.08
C GLY A 56 -78.16 30.29 15.46
N ASP A 57 -78.62 31.40 16.04
CA ASP A 57 -78.19 31.81 17.37
C ASP A 57 -78.72 30.82 18.42
N GLN A 58 -78.16 30.86 19.61
CA GLN A 58 -78.59 29.99 20.70
C GLN A 58 -80.04 30.29 21.09
N SER A 59 -80.43 31.56 20.95
CA SER A 59 -81.78 31.99 21.31
C SER A 59 -82.69 32.04 20.08
N SER A 60 -82.22 31.52 18.96
CA SER A 60 -82.99 31.52 17.73
C SER A 60 -84.21 30.61 17.84
N GLY A 61 -84.08 29.55 18.64
CA GLY A 61 -85.17 28.61 18.84
C GLY A 61 -85.23 27.54 17.77
N LYS A 62 -84.09 27.29 17.12
CA LYS A 62 -84.00 26.27 16.08
C LYS A 62 -84.31 24.89 16.66
N SER A 63 -84.03 24.71 17.94
CA SER A 63 -84.31 23.46 18.63
C SER A 63 -85.81 23.21 18.70
N SER A 64 -86.59 24.28 18.75
CA SER A 64 -88.05 24.16 18.78
C SER A 64 -88.58 23.79 17.39
N VAL A 65 -87.88 24.24 16.35
CA VAL A 65 -88.22 23.86 14.99
C VAL A 65 -87.92 22.38 14.76
N LEU A 66 -86.75 21.97 15.22
CA LEU A 66 -86.34 20.56 15.15
C LEU A 66 -87.30 19.70 15.97
N GLU A 67 -87.80 20.27 17.07
CA GLU A 67 -88.79 19.59 17.89
C GLU A 67 -90.11 19.47 17.13
N ALA A 68 -90.46 20.50 16.38
CA ALA A 68 -91.66 20.49 15.57
C ALA A 68 -91.57 19.44 14.47
N LEU A 69 -90.37 19.25 13.94
CA LEU A 69 -90.15 18.30 12.84
C LEU A 69 -90.09 16.85 13.32
N SER A 70 -89.31 16.62 14.38
CA SER A 70 -89.06 15.26 14.86
C SER A 70 -90.03 14.82 15.95
N GLY A 71 -90.54 15.79 16.71
CA GLY A 71 -91.47 15.49 17.79
C GLY A 71 -90.89 15.81 19.16
N VAL A 72 -89.57 15.81 19.25
CA VAL A 72 -88.88 16.06 20.51
C VAL A 72 -87.41 16.44 20.26
N ALA A 73 -86.91 17.40 21.04
CA ALA A 73 -85.52 17.84 20.89
C ALA A 73 -84.97 18.39 22.20
N LEU A 74 -83.69 18.75 22.19
CA LEU A 74 -83.01 19.30 23.37
C LEU A 74 -83.60 20.64 23.79
N PRO A 75 -83.84 20.80 25.10
CA PRO A 75 -84.34 22.05 25.67
C PRO A 75 -83.21 23.02 26.02
N VAL A 81 -78.88 22.94 24.74
CA VAL A 81 -77.87 23.41 23.80
C VAL A 81 -76.93 22.28 23.40
N THR A 82 -76.85 22.01 22.11
CA THR A 82 -75.98 20.96 21.60
C THR A 82 -74.52 21.38 21.62
N ARG A 83 -73.63 20.41 21.86
CA ARG A 83 -72.20 20.66 21.91
C ARG A 83 -71.52 20.04 20.69
N CYS A 84 -72.20 19.06 20.11
CA CYS A 84 -71.70 18.37 18.92
C CYS A 84 -72.84 18.17 17.92
N PRO A 85 -72.53 18.13 16.62
CA PRO A 85 -73.53 17.99 15.56
C PRO A 85 -74.46 16.79 15.74
N LEU A 86 -75.76 17.02 15.55
CA LEU A 86 -76.76 15.98 15.69
C LEU A 86 -77.35 15.59 14.33
N VAL A 87 -77.03 14.39 13.88
CA VAL A 87 -77.54 13.90 12.60
C VAL A 87 -78.97 13.38 12.75
N LEU A 88 -79.93 14.27 12.54
CA LEU A 88 -81.35 13.91 12.65
C LEU A 88 -81.85 13.23 11.38
N LYS A 89 -82.10 11.92 11.49
CA LYS A 89 -82.65 11.15 10.38
C LYS A 89 -84.10 10.77 10.67
N LEU A 90 -85.02 11.33 9.90
CA LEU A 90 -86.44 11.06 10.09
C LEU A 90 -87.03 10.24 8.95
N LYS A 91 -87.79 9.21 9.31
CA LYS A 91 -88.42 8.32 8.33
C LYS A 91 -89.92 8.21 8.58
N LYS A 92 -90.71 8.19 7.52
CA LYS A 92 -92.15 8.10 7.63
C LYS A 92 -92.67 6.71 7.27
N GLN A 93 -93.01 5.93 8.29
CA GLN A 93 -93.49 4.57 8.09
C GLN A 93 -94.77 4.33 8.89
N PRO A 94 -95.80 3.78 8.23
CA PRO A 94 -97.12 3.56 8.85
C PRO A 94 -97.16 2.35 9.80
N CYS A 95 -96.04 2.01 10.42
CA CYS A 95 -95.99 0.91 11.36
C CYS A 95 -96.16 1.41 12.79
N GLU A 96 -95.08 1.95 13.36
CA GLU A 96 -95.11 2.43 14.73
C GLU A 96 -94.06 3.52 14.95
N ALA A 97 -94.25 4.32 15.99
CA ALA A 97 -93.28 5.35 16.34
C ALA A 97 -92.14 4.74 17.14
N TRP A 98 -90.99 4.57 16.49
CA TRP A 98 -89.84 3.94 17.13
C TRP A 98 -88.59 4.79 16.90
N ALA A 99 -87.76 4.91 17.93
CA ALA A 99 -86.56 5.74 17.85
C ALA A 99 -85.31 5.00 18.32
N GLY A 100 -84.21 5.21 17.60
CA GLY A 100 -82.94 4.60 17.93
C GLY A 100 -81.81 5.61 17.86
N ARG A 101 -80.98 5.64 18.89
CA ARG A 101 -79.85 6.57 18.95
C ARG A 101 -78.53 5.86 18.66
N ILE A 102 -77.79 6.40 17.68
CA ILE A 102 -76.50 5.85 17.30
C ILE A 102 -75.39 6.85 17.62
N SER A 103 -74.41 6.41 18.40
CA SER A 103 -73.33 7.28 18.86
C SER A 103 -71.98 6.88 18.26
N TYR A 104 -71.20 7.90 17.90
CA TYR A 104 -69.90 7.78 17.25
C TYR A 104 -68.94 6.83 17.97
N ARG A 105 -69.20 6.56 19.24
CA ARG A 105 -68.44 5.54 19.98
C ARG A 105 -68.83 4.14 19.54
N ASN A 106 -69.38 4.04 18.33
CA ASN A 106 -69.85 2.77 17.76
C ASN A 106 -70.90 2.12 18.64
N THR A 107 -71.84 2.90 19.14
CA THR A 107 -72.88 2.36 20.02
C THR A 107 -74.28 2.64 19.48
N GLU A 108 -75.25 1.86 19.96
CA GLU A 108 -76.64 2.03 19.55
C GLU A 108 -77.58 1.66 20.69
N LEU A 109 -78.56 2.53 20.93
CA LEU A 109 -79.51 2.32 22.01
C LEU A 109 -80.95 2.53 21.53
N GLU A 110 -81.82 1.58 21.88
CA GLU A 110 -83.23 1.65 21.50
C GLU A 110 -84.07 2.10 22.69
N LEU A 111 -84.54 3.34 22.63
CA LEU A 111 -85.29 3.94 23.73
C LEU A 111 -86.80 3.82 23.54
N GLN A 112 -87.22 3.72 22.28
CA GLN A 112 -88.62 3.52 21.88
C GLN A 112 -89.60 4.55 22.48
N ASP A 113 -89.07 5.62 23.05
CA ASP A 113 -89.90 6.66 23.63
C ASP A 113 -89.30 8.05 23.43
N PRO A 114 -90.10 8.97 22.88
CA PRO A 114 -89.68 10.35 22.54
C PRO A 114 -89.05 11.10 23.72
N GLY A 115 -89.57 10.88 24.92
CA GLY A 115 -89.09 11.56 26.11
C GLY A 115 -87.65 11.22 26.48
N GLN A 116 -87.34 9.92 26.43
CA GLN A 116 -86.01 9.42 26.75
C GLN A 116 -84.93 9.90 25.78
N VAL A 117 -85.37 10.26 24.58
CA VAL A 117 -84.47 10.70 23.52
C VAL A 117 -83.58 11.88 23.92
N GLU A 118 -84.19 12.96 24.40
CA GLU A 118 -83.42 14.15 24.77
C GLU A 118 -82.46 13.89 25.94
N LYS A 119 -82.87 13.01 26.85
CA LYS A 119 -82.04 12.67 28.01
C LYS A 119 -80.82 11.84 27.59
N GLU A 120 -81.03 10.89 26.69
CA GLU A 120 -79.93 10.05 26.23
C GLU A 120 -79.02 10.86 25.33
N ILE A 121 -79.61 11.82 24.62
CA ILE A 121 -78.85 12.75 23.79
C ILE A 121 -77.92 13.55 24.69
N HIS A 122 -78.46 14.06 25.79
CA HIS A 122 -77.65 14.82 26.75
C HIS A 122 -76.56 13.95 27.36
N LYS A 123 -76.87 12.67 27.58
CA LYS A 123 -75.87 11.72 28.06
C LYS A 123 -74.72 11.60 27.06
N ALA A 124 -75.06 11.42 25.79
CA ALA A 124 -74.07 11.32 24.74
C ALA A 124 -73.24 12.60 24.62
N GLN A 125 -73.89 13.73 24.81
CA GLN A 125 -73.21 15.03 24.82
C GLN A 125 -72.18 15.06 25.93
N ASN A 126 -72.56 14.58 27.11
CA ASN A 126 -71.64 14.49 28.24
C ASN A 126 -70.47 13.58 27.94
N VAL A 127 -70.75 12.46 27.27
CA VAL A 127 -69.71 11.51 26.89
C VAL A 127 -68.70 12.10 25.91
N MET A 128 -69.19 12.78 24.88
CA MET A 128 -68.33 13.29 23.81
C MET A 128 -67.59 14.57 24.18
N ALA A 129 -68.27 15.48 24.89
CA ALA A 129 -67.69 16.77 25.22
C ALA A 129 -66.72 16.67 26.40
N GLY A 130 -67.11 15.90 27.40
CA GLY A 130 -66.28 15.74 28.58
C GLY A 130 -66.98 16.22 29.84
N ASN A 131 -68.21 15.75 30.04
CA ASN A 131 -69.02 16.05 31.22
C ASN A 131 -69.44 17.51 31.34
N GLY A 132 -68.57 18.43 30.92
CA GLY A 132 -68.87 19.84 30.99
C GLY A 132 -69.28 20.40 29.64
N ARG A 133 -69.43 21.73 29.57
CA ARG A 133 -69.83 22.39 28.34
C ARG A 133 -68.66 22.51 27.37
N GLY A 134 -68.35 21.41 26.68
CA GLY A 134 -67.28 21.39 25.71
C GLY A 134 -67.80 21.43 24.29
N ILE A 135 -66.98 20.98 23.35
CA ILE A 135 -67.36 20.94 21.94
C ILE A 135 -66.63 19.81 21.21
N SER A 136 -67.33 19.15 20.29
CA SER A 136 -66.76 18.05 19.54
C SER A 136 -67.33 17.97 18.13
N HIS A 137 -66.54 17.46 17.20
CA HIS A 137 -66.97 17.31 15.81
C HIS A 137 -67.55 15.92 15.57
N GLU A 138 -67.60 15.11 16.62
CA GLU A 138 -68.13 13.76 16.54
C GLU A 138 -69.64 13.78 16.39
N LEU A 139 -70.17 12.86 15.58
CA LEU A 139 -71.57 12.90 15.20
C LEU A 139 -72.46 12.01 16.06
N ILE A 140 -73.66 12.52 16.36
CA ILE A 140 -74.71 11.73 16.99
C ILE A 140 -75.86 11.53 16.02
N SER A 141 -76.03 10.31 15.54
CA SER A 141 -77.10 10.03 14.58
C SER A 141 -78.38 9.66 15.32
N LEU A 142 -79.44 10.42 15.06
CA LEU A 142 -80.72 10.13 15.69
C LEU A 142 -81.70 9.60 14.65
N GLU A 143 -81.97 8.29 14.72
CA GLU A 143 -82.82 7.65 13.73
C GLU A 143 -84.23 7.46 14.27
N ILE A 144 -85.15 8.33 13.85
CA ILE A 144 -86.52 8.27 14.31
C ILE A 144 -87.46 7.90 13.17
N THR A 145 -88.12 6.75 13.28
CA THR A 145 -89.08 6.31 12.28
C THR A 145 -90.47 6.33 12.87
N SER A 146 -91.34 7.16 12.30
CA SER A 146 -92.69 7.35 12.83
C SER A 146 -93.67 7.82 11.75
N PRO A 147 -94.92 7.34 11.82
CA PRO A 147 -95.95 7.71 10.85
C PRO A 147 -96.42 9.16 11.02
N GLU A 148 -95.83 9.88 11.95
CA GLU A 148 -96.21 11.26 12.23
C GLU A 148 -95.05 12.23 12.00
N VAL A 149 -93.92 11.70 11.53
CA VAL A 149 -92.78 12.56 11.20
C VAL A 149 -92.44 12.48 9.72
N PRO A 150 -92.19 13.64 9.08
CA PRO A 150 -91.84 13.71 7.66
C PRO A 150 -90.53 13.00 7.36
N ASP A 151 -90.40 12.46 6.15
CA ASP A 151 -89.17 11.77 5.77
C ASP A 151 -88.10 12.78 5.37
N LEU A 152 -87.12 13.00 6.25
CA LEU A 152 -86.10 14.02 6.02
C LEU A 152 -84.87 13.83 6.89
N THR A 153 -83.69 13.98 6.29
CA THR A 153 -82.44 13.89 7.02
C THR A 153 -81.70 15.22 7.03
N ILE A 154 -81.55 15.82 8.22
CA ILE A 154 -80.86 17.09 8.35
C ILE A 154 -79.86 17.04 9.51
N ILE A 155 -78.90 17.96 9.51
CA ILE A 155 -77.86 17.98 10.55
C ILE A 155 -77.91 19.25 11.37
N ASP A 156 -78.08 19.09 12.69
CA ASP A 156 -78.13 20.22 13.61
C ASP A 156 -76.75 20.60 14.12
N LEU A 157 -76.37 21.86 13.93
CA LEU A 157 -75.08 22.36 14.41
C LEU A 157 -75.29 23.24 15.64
N PRO A 158 -74.30 23.27 16.53
CA PRO A 158 -74.34 24.07 17.77
C PRO A 158 -74.64 25.55 17.53
N GLY A 159 -75.30 26.18 18.49
CA GLY A 159 -75.69 27.57 18.39
C GLY A 159 -74.52 28.53 18.44
N ILE A 160 -74.68 29.68 17.80
CA ILE A 160 -73.63 30.68 17.75
C ILE A 160 -73.63 31.54 19.02
N THR A 161 -72.45 31.69 19.62
CA THR A 161 -72.26 32.50 20.83
C THR A 161 -73.19 32.06 21.96
N PRO A 169 -61.34 36.01 22.22
CA PRO A 169 -60.09 35.22 22.29
C PRO A 169 -60.11 34.20 23.43
N ARG A 170 -60.63 33.01 23.17
CA ARG A 170 -61.15 32.65 21.85
C ARG A 170 -62.63 33.05 21.62
N ASP A 171 -63.57 32.73 22.52
CA ASP A 171 -63.41 31.95 23.74
C ASP A 171 -63.83 30.51 23.48
N ILE A 172 -65.10 30.34 23.13
CA ILE A 172 -65.70 29.05 22.86
C ILE A 172 -66.44 29.11 21.54
N GLY A 173 -67.17 30.21 21.33
CA GLY A 173 -67.98 30.41 20.15
C GLY A 173 -67.15 30.41 18.87
N LEU A 174 -65.87 30.69 18.99
CA LEU A 174 -64.96 30.70 17.85
C LEU A 174 -64.89 29.31 17.23
N GLN A 175 -64.70 28.30 18.08
CA GLN A 175 -64.62 26.92 17.63
C GLN A 175 -65.98 26.42 17.13
N ILE A 176 -67.04 27.06 17.62
CA ILE A 176 -68.38 26.76 17.15
C ILE A 176 -68.54 27.24 15.72
N LYS A 177 -68.13 28.49 15.48
CA LYS A 177 -68.17 29.07 14.13
C LYS A 177 -67.28 28.27 13.19
N ALA A 178 -66.14 27.79 13.70
CA ALA A 178 -65.25 26.94 12.92
C ALA A 178 -65.96 25.64 12.54
N LEU A 179 -66.64 25.04 13.51
CA LEU A 179 -67.39 23.80 13.29
C LEU A 179 -68.47 23.98 12.24
N ILE A 180 -69.19 25.09 12.32
CA ILE A 180 -70.24 25.40 11.35
C ILE A 180 -69.63 25.63 9.97
N LYS A 181 -68.49 26.32 9.94
CA LYS A 181 -67.77 26.58 8.70
C LYS A 181 -67.33 25.29 8.02
N LYS A 182 -66.96 24.30 8.83
CA LYS A 182 -66.59 22.99 8.31
C LYS A 182 -67.68 22.40 7.41
N TYR A 183 -68.93 22.71 7.73
CA TYR A 183 -70.07 22.23 6.95
C TYR A 183 -70.51 23.19 5.84
N ILE A 184 -70.76 24.44 6.21
CA ILE A 184 -71.37 25.39 5.29
C ILE A 184 -70.46 25.85 4.16
N GLN A 185 -69.16 25.60 4.29
CA GLN A 185 -68.22 25.94 3.23
C GLN A 185 -68.40 25.03 2.01
N ARG A 186 -68.94 23.85 2.26
CA ARG A 186 -69.16 22.87 1.19
C ARG A 186 -70.35 23.25 0.34
N GLN A 187 -70.20 23.10 -0.98
CA GLN A 187 -71.28 23.37 -1.91
C GLN A 187 -72.36 22.29 -1.85
N GLN A 188 -72.01 21.14 -1.28
CA GLN A 188 -72.95 20.03 -1.14
C GLN A 188 -73.81 20.18 0.12
N THR A 189 -73.55 21.22 0.89
CA THR A 189 -74.30 21.47 2.11
C THR A 189 -75.29 22.63 1.95
N ILE A 190 -76.57 22.34 2.15
CA ILE A 190 -77.60 23.36 2.08
C ILE A 190 -77.70 24.11 3.40
N ASN A 191 -77.54 25.43 3.33
CA ASN A 191 -77.64 26.27 4.52
C ASN A 191 -79.09 26.51 4.94
N LEU A 192 -79.35 26.35 6.24
CA LEU A 192 -80.68 26.61 6.79
C LEU A 192 -80.59 27.57 7.96
N VAL A 193 -80.78 28.86 7.71
CA VAL A 193 -80.64 29.86 8.75
C VAL A 193 -81.95 30.08 9.50
N VAL A 194 -81.86 30.04 10.83
CA VAL A 194 -83.01 30.23 11.69
C VAL A 194 -82.97 31.61 12.34
N VAL A 195 -83.93 32.46 11.97
CA VAL A 195 -83.93 33.83 12.47
C VAL A 195 -85.24 34.20 13.17
N PRO A 196 -85.13 34.71 14.41
CA PRO A 196 -86.29 35.22 15.16
C PRO A 196 -86.93 36.41 14.44
N CYS A 197 -88.24 36.56 14.61
CA CYS A 197 -88.97 37.64 13.94
C CYS A 197 -88.73 39.00 14.59
N ASN A 198 -88.30 38.99 15.85
CA ASN A 198 -88.10 40.23 16.61
C ASN A 198 -86.73 40.85 16.42
N VAL A 199 -86.00 40.42 15.39
CA VAL A 199 -84.66 40.95 15.14
C VAL A 199 -84.43 41.17 13.64
N ASP A 200 -83.69 42.23 13.31
CA ASP A 200 -83.35 42.52 11.93
C ASP A 200 -82.48 41.39 11.36
N ILE A 201 -83.03 40.67 10.38
CA ILE A 201 -82.37 39.51 9.81
C ILE A 201 -81.05 39.88 9.12
N ALA A 202 -80.93 41.13 8.70
CA ALA A 202 -79.74 41.59 7.99
C ALA A 202 -78.57 41.81 8.94
N THR A 203 -78.82 41.70 10.24
CA THR A 203 -77.79 41.90 11.24
C THR A 203 -77.51 40.61 12.02
N THR A 204 -78.05 39.51 11.52
CA THR A 204 -77.86 38.20 12.16
C THR A 204 -76.55 37.57 11.71
N GLU A 205 -75.89 36.88 12.63
CA GLU A 205 -74.59 36.27 12.35
C GLU A 205 -74.73 35.04 11.47
N ALA A 206 -75.83 34.32 11.64
CA ALA A 206 -76.08 33.10 10.87
C ALA A 206 -76.19 33.41 9.39
N LEU A 207 -77.05 34.37 9.04
CA LEU A 207 -77.24 34.78 7.65
C LEU A 207 -75.98 35.47 7.13
N SER A 208 -75.22 36.09 8.04
CA SER A 208 -73.96 36.72 7.68
C SER A 208 -72.95 35.68 7.19
N MET A 209 -72.82 34.60 7.95
CA MET A 209 -71.93 33.51 7.57
C MET A 209 -72.43 32.79 6.32
N ALA A 210 -73.75 32.61 6.24
CA ALA A 210 -74.38 31.99 5.08
C ALA A 210 -74.09 32.80 3.82
N HIS A 211 -74.09 34.11 3.95
CA HIS A 211 -73.76 35.00 2.84
C HIS A 211 -72.26 34.95 2.55
N GLU A 212 -71.46 34.79 3.61
CA GLU A 212 -70.02 34.68 3.47
C GLU A 212 -69.63 33.46 2.62
N VAL A 213 -70.31 32.34 2.86
CA VAL A 213 -70.01 31.12 2.12
C VAL A 213 -70.87 31.00 0.86
N ASP A 214 -71.94 31.79 0.79
CA ASP A 214 -72.82 31.79 -0.37
C ASP A 214 -73.34 33.20 -0.68
N PRO A 215 -72.49 34.04 -1.30
CA PRO A 215 -72.88 35.41 -1.66
C PRO A 215 -74.03 35.45 -2.65
N GLU A 216 -74.11 34.45 -3.52
CA GLU A 216 -75.15 34.39 -4.54
C GLU A 216 -76.48 33.98 -3.95
N GLY A 217 -76.44 33.24 -2.85
CA GLY A 217 -77.65 32.78 -2.20
C GLY A 217 -78.35 31.68 -2.98
N ASP A 218 -77.55 30.84 -3.64
CA ASP A 218 -78.08 29.78 -4.48
C ASP A 218 -78.42 28.52 -3.68
N ARG A 219 -77.91 28.42 -2.47
CA ARG A 219 -78.15 27.24 -1.63
C ARG A 219 -78.44 27.62 -0.18
N THR A 220 -79.09 28.76 0.01
CA THR A 220 -79.41 29.25 1.35
C THR A 220 -80.90 29.40 1.55
N ILE A 221 -81.42 28.78 2.60
CA ILE A 221 -82.84 28.86 2.93
C ILE A 221 -83.01 29.53 4.30
N GLY A 222 -83.90 30.52 4.37
CA GLY A 222 -84.12 31.24 5.60
C GLY A 222 -85.49 31.01 6.21
N ILE A 223 -85.51 30.53 7.44
CA ILE A 223 -86.77 30.35 8.16
C ILE A 223 -86.89 31.35 9.32
N LEU A 224 -88.03 32.03 9.35
CA LEU A 224 -88.32 33.00 10.39
C LEU A 224 -89.21 32.37 11.44
N THR A 225 -88.81 32.49 12.71
CA THR A 225 -89.52 31.82 13.79
C THR A 225 -89.92 32.80 14.90
N LYS A 226 -90.72 32.30 15.83
CA LYS A 226 -91.26 33.11 16.92
C LYS A 226 -91.98 34.36 16.41
N PRO A 227 -93.06 34.18 15.62
CA PRO A 227 -93.79 35.34 15.10
C PRO A 227 -94.69 35.97 16.16
N ASP A 228 -95.01 35.21 17.19
CA ASP A 228 -95.84 35.71 18.28
C ASP A 228 -95.02 36.54 19.28
N LEU A 229 -93.72 36.28 19.32
CA LEU A 229 -92.84 36.92 20.27
C LEU A 229 -92.61 38.41 19.96
N MET A 230 -92.84 38.81 18.72
CA MET A 230 -92.70 40.21 18.35
C MET A 230 -93.78 41.03 19.04
N ASP A 231 -93.51 42.31 19.25
CA ASP A 231 -94.40 43.15 20.05
C ASP A 231 -94.65 44.52 19.45
N ARG A 232 -94.59 44.62 18.12
CA ARG A 232 -94.84 45.88 17.43
C ARG A 232 -95.15 45.64 15.96
N GLY A 233 -95.91 46.55 15.37
CA GLY A 233 -96.26 46.45 13.96
C GLY A 233 -95.04 46.60 13.08
N THR A 234 -94.04 47.32 13.59
CA THR A 234 -92.78 47.52 12.89
C THR A 234 -92.21 46.18 12.46
N GLU A 235 -92.12 45.26 13.42
CA GLU A 235 -91.63 43.92 13.17
C GLU A 235 -92.55 43.16 12.21
N LYS A 236 -93.86 43.41 12.31
CA LYS A 236 -94.83 42.76 11.42
C LYS A 236 -94.54 43.07 9.96
N SER A 237 -94.55 44.36 9.61
CA SER A 237 -94.26 44.77 8.23
C SER A 237 -92.83 44.42 7.81
N VAL A 238 -91.87 44.48 8.74
CA VAL A 238 -90.51 44.07 8.40
C VAL A 238 -90.51 42.62 7.93
N MET A 239 -91.22 41.77 8.66
CA MET A 239 -91.38 40.38 8.28
C MET A 239 -92.10 40.27 6.94
N ASN A 240 -93.11 41.12 6.74
CA ASN A 240 -93.90 41.12 5.52
C ASN A 240 -93.08 41.46 4.27
N VAL A 241 -92.12 42.36 4.42
CA VAL A 241 -91.25 42.71 3.30
C VAL A 241 -90.07 41.74 3.19
N VAL A 242 -89.77 41.05 4.28
CA VAL A 242 -88.69 40.05 4.29
C VAL A 242 -89.09 38.77 3.57
N ARG A 243 -90.32 38.29 3.82
CA ARG A 243 -90.81 37.07 3.18
C ARG A 243 -90.78 37.20 1.66
N ASN A 244 -91.05 38.41 1.16
CA ASN A 244 -90.96 38.69 -0.26
C ASN A 244 -89.53 39.09 -0.62
N LEU A 245 -88.87 38.21 -1.38
CA LEU A 245 -87.50 38.40 -1.87
C LEU A 245 -87.02 39.85 -1.99
N THR A 246 -86.29 40.28 -0.96
CA THR A 246 -85.60 41.56 -0.95
C THR A 246 -84.12 41.26 -0.92
N TYR A 247 -83.80 40.10 -0.35
CA TYR A 247 -82.44 39.61 -0.27
C TYR A 247 -82.24 38.57 -1.36
N PRO A 248 -81.05 38.51 -1.95
CA PRO A 248 -80.79 37.62 -3.09
C PRO A 248 -80.67 36.15 -2.73
N LEU A 249 -81.75 35.59 -2.18
CA LEU A 249 -81.79 34.16 -1.88
C LEU A 249 -82.63 33.45 -2.94
N LYS A 250 -81.98 32.57 -3.70
CA LYS A 250 -82.64 31.85 -4.79
C LYS A 250 -83.71 30.90 -4.27
N LYS A 251 -83.47 30.35 -3.08
CA LYS A 251 -84.41 29.40 -2.47
C LYS A 251 -85.55 30.13 -1.77
N GLY A 252 -85.30 31.37 -1.36
CA GLY A 252 -86.32 32.20 -0.74
C GLY A 252 -86.44 32.01 0.76
N TYR A 253 -87.52 32.55 1.31
CA TYR A 253 -87.75 32.49 2.76
C TYR A 253 -89.07 31.80 3.10
N MET A 254 -89.16 31.30 4.34
CA MET A 254 -90.38 30.72 4.86
C MET A 254 -90.56 31.12 6.32
N ILE A 255 -91.81 31.18 6.78
CA ILE A 255 -92.08 31.58 8.16
C ILE A 255 -92.86 30.50 8.89
N VAL A 256 -92.38 30.12 10.07
CA VAL A 256 -93.03 29.08 10.87
C VAL A 256 -93.23 29.50 12.32
N LYS A 257 -94.09 28.78 13.03
CA LYS A 257 -94.28 29.02 14.46
C LYS A 257 -93.34 28.14 15.27
N CYS A 258 -92.78 28.73 16.33
CA CYS A 258 -91.81 28.04 17.18
C CYS A 258 -92.38 26.83 17.91
N ARG A 259 -93.65 26.94 18.31
CA ARG A 259 -94.39 25.90 19.05
C ARG A 259 -93.92 25.88 20.51
N GLY A 260 -92.96 26.75 20.83
CA GLY A 260 -92.47 26.91 22.18
C GLY A 260 -91.33 25.98 22.54
N GLN A 261 -90.36 26.49 23.28
CA GLN A 261 -89.22 25.70 23.73
C GLN A 261 -89.22 25.57 25.24
N GLN A 262 -90.05 26.37 25.91
CA GLN A 262 -90.10 26.37 27.37
C GLN A 262 -91.16 25.38 27.82
N GLU A 263 -92.16 25.19 26.97
CA GLU A 263 -93.23 24.24 27.25
C GLU A 263 -92.82 22.86 26.72
N ILE A 264 -91.90 22.23 27.42
CA ILE A 264 -91.35 20.94 26.99
C ILE A 264 -92.24 19.76 27.36
N THR A 265 -92.94 19.89 28.48
CA THR A 265 -93.68 18.77 29.06
C THR A 265 -95.15 18.73 28.62
N ASN A 266 -95.64 19.80 28.01
CA ASN A 266 -97.03 19.86 27.57
C ASN A 266 -97.35 18.76 26.57
N ARG A 267 -96.40 18.48 25.67
CA ARG A 267 -96.52 17.38 24.72
C ARG A 267 -97.77 17.45 23.86
N LEU A 268 -97.80 18.43 22.95
CA LEU A 268 -98.93 18.60 22.04
C LEU A 268 -98.78 17.70 20.82
N SER A 269 -99.89 17.09 20.39
CA SER A 269 -99.87 16.22 19.20
C SER A 269 -99.48 17.01 17.97
N LEU A 270 -98.74 16.36 17.06
CA LEU A 270 -98.22 17.02 15.86
C LEU A 270 -99.32 17.54 14.95
N ALA A 271 -100.39 16.77 14.79
CA ALA A 271 -101.51 17.18 13.95
C ALA A 271 -102.23 18.38 14.56
N GLU A 272 -102.45 18.34 15.87
CA GLU A 272 -103.13 19.41 16.58
C GLU A 272 -102.23 20.63 16.69
N ALA A 273 -100.92 20.41 16.70
CA ALA A 273 -99.95 21.50 16.69
C ALA A 273 -99.99 22.19 15.33
N THR A 274 -100.10 21.38 14.28
CA THR A 274 -100.22 21.90 12.93
C THR A 274 -101.48 22.75 12.80
N LYS A 275 -102.61 22.20 13.25
CA LYS A 275 -103.87 22.93 13.22
C LYS A 275 -103.80 24.21 14.06
N LYS A 276 -103.06 24.15 15.16
CA LYS A 276 -102.87 25.32 16.01
C LYS A 276 -102.10 26.41 15.28
N GLU A 277 -101.03 26.01 14.59
CA GLU A 277 -100.21 26.95 13.82
C GLU A 277 -101.02 27.58 12.70
N ILE A 278 -101.75 26.73 11.96
CA ILE A 278 -102.62 27.20 10.88
C ILE A 278 -103.64 28.20 11.43
N THR A 279 -104.20 27.90 12.59
CA THR A 279 -105.15 28.79 13.24
C THR A 279 -104.49 30.13 13.57
N PHE A 280 -103.27 30.06 14.09
CA PHE A 280 -102.51 31.27 14.42
C PHE A 280 -102.29 32.17 13.22
N PHE A 281 -101.74 31.60 12.15
CA PHE A 281 -101.43 32.37 10.95
C PHE A 281 -102.68 32.85 10.21
N GLN A 282 -103.75 32.08 10.31
CA GLN A 282 -105.01 32.46 9.66
C GLN A 282 -105.70 33.59 10.42
N THR A 283 -105.58 33.57 11.74
CA THR A 283 -106.18 34.61 12.58
C THR A 283 -105.38 35.90 12.54
N HIS A 284 -104.11 35.80 12.20
CA HIS A 284 -103.22 36.96 12.13
C HIS A 284 -103.69 37.93 11.05
N PRO A 285 -103.83 39.22 11.42
CA PRO A 285 -104.33 40.29 10.55
C PRO A 285 -103.59 40.41 9.22
N TYR A 286 -102.27 40.28 9.25
CA TYR A 286 -101.46 40.47 8.05
C TYR A 286 -101.05 39.15 7.40
N PHE A 287 -100.71 38.17 8.23
CA PHE A 287 -100.07 36.94 7.76
C PHE A 287 -101.00 36.01 6.97
N ARG A 288 -102.30 36.10 7.21
CA ARG A 288 -103.24 35.19 6.55
C ARG A 288 -103.18 35.28 5.03
N VAL A 289 -103.69 36.38 4.49
CA VAL A 289 -103.78 36.58 3.05
C VAL A 289 -102.41 36.63 2.39
N LEU A 290 -101.46 37.27 3.07
CA LEU A 290 -100.15 37.55 2.48
C LEU A 290 -99.19 36.38 2.53
N LEU A 291 -99.39 35.45 3.46
CA LEU A 291 -98.46 34.32 3.58
C LEU A 291 -99.10 33.01 3.14
N GLU A 292 -100.34 32.75 3.55
CA GLU A 292 -100.99 31.49 3.23
C GLU A 292 -101.24 31.32 1.73
N GLU A 293 -101.32 32.45 1.02
CA GLU A 293 -101.50 32.43 -0.43
C GLU A 293 -100.18 32.20 -1.16
N GLY A 294 -99.08 32.68 -0.57
CA GLY A 294 -97.77 32.54 -1.18
C GLY A 294 -96.87 31.58 -0.42
N SER A 295 -95.78 32.11 0.13
CA SER A 295 -94.85 31.31 0.92
C SER A 295 -95.55 30.79 2.17
N ALA A 296 -95.85 29.49 2.16
CA ALA A 296 -96.67 28.88 3.20
C ALA A 296 -96.07 28.99 4.59
N THR A 297 -96.93 28.79 5.60
CA THR A 297 -96.52 28.81 6.99
C THR A 297 -96.84 27.46 7.61
N VAL A 298 -97.82 26.79 7.02
CA VAL A 298 -98.17 25.42 7.39
C VAL A 298 -96.94 24.53 7.24
N PRO A 299 -96.76 23.58 8.16
CA PRO A 299 -95.58 22.69 8.16
C PRO A 299 -95.30 21.98 6.83
N ARG A 300 -95.26 22.73 5.73
CA ARG A 300 -94.78 22.23 4.45
C ARG A 300 -93.27 22.44 4.37
N LEU A 301 -92.73 23.09 5.40
CA LEU A 301 -91.30 23.34 5.49
C LEU A 301 -90.50 22.05 5.35
N ALA A 302 -90.98 20.98 5.97
CA ALA A 302 -90.32 19.68 5.90
C ALA A 302 -90.43 19.10 4.50
N GLU A 303 -91.51 19.45 3.80
CA GLU A 303 -91.71 19.00 2.42
C GLU A 303 -90.79 19.78 1.49
N ARG A 304 -90.66 21.07 1.75
CA ARG A 304 -89.74 21.92 1.00
C ARG A 304 -88.30 21.45 1.16
N LEU A 305 -87.92 21.15 2.40
CA LEU A 305 -86.59 20.65 2.69
C LEU A 305 -86.38 19.26 2.08
N THR A 306 -87.46 18.48 2.03
CA THR A 306 -87.41 17.17 1.38
C THR A 306 -87.09 17.31 -0.10
N THR A 307 -87.88 18.11 -0.80
CA THR A 307 -87.69 18.35 -2.23
C THR A 307 -86.30 18.92 -2.53
N GLU A 308 -85.91 19.94 -1.77
CA GLU A 308 -84.61 20.57 -1.93
C GLU A 308 -83.47 19.57 -1.72
N LEU A 309 -83.60 18.73 -0.69
CA LEU A 309 -82.59 17.72 -0.42
C LEU A 309 -82.49 16.70 -1.54
N ILE A 310 -83.64 16.23 -2.02
CA ILE A 310 -83.67 15.29 -3.13
C ILE A 310 -83.00 15.85 -4.38
N MET A 311 -83.44 17.03 -4.81
CA MET A 311 -82.90 17.67 -6.00
C MET A 311 -81.41 17.95 -5.86
N HIS A 312 -81.01 18.38 -4.67
CA HIS A 312 -79.60 18.68 -4.40
C HIS A 312 -78.73 17.43 -4.51
N ILE A 313 -79.18 16.36 -3.87
CA ILE A 313 -78.46 15.08 -3.91
C ILE A 313 -78.36 14.56 -5.35
N GLN A 314 -79.48 14.61 -6.06
CA GLN A 314 -79.52 14.19 -7.47
C GLN A 314 -78.56 15.02 -8.31
N LYS A 315 -78.39 16.29 -7.93
CA LYS A 315 -77.46 17.17 -8.63
C LYS A 315 -76.00 16.81 -8.32
N SER A 316 -75.74 16.45 -7.07
CA SER A 316 -74.36 16.24 -6.61
C SER A 316 -73.88 14.78 -6.67
N LEU A 317 -74.73 13.87 -7.15
CA LEU A 317 -74.38 12.45 -7.19
C LEU A 317 -73.21 12.08 -8.14
N PRO A 318 -73.22 12.57 -9.40
CA PRO A 318 -72.12 12.17 -10.28
C PRO A 318 -70.75 12.62 -9.78
N LEU A 319 -70.65 13.86 -9.33
CA LEU A 319 -69.40 14.39 -8.79
C LEU A 319 -69.03 13.65 -7.51
N LEU A 320 -70.03 13.15 -6.80
CA LEU A 320 -69.79 12.35 -5.60
C LEU A 320 -69.12 11.04 -5.96
N GLU A 321 -69.67 10.33 -6.94
CA GLU A 321 -69.07 9.10 -7.44
C GLU A 321 -67.65 9.32 -7.94
N GLY A 322 -67.48 10.36 -8.76
CA GLY A 322 -66.19 10.73 -9.28
C GLY A 322 -65.17 10.98 -8.19
N GLN A 323 -65.56 11.73 -7.17
CA GLN A 323 -64.68 12.04 -6.05
C GLN A 323 -64.37 10.80 -5.23
N ILE A 324 -65.32 9.87 -5.15
CA ILE A 324 -65.07 8.59 -4.48
C ILE A 324 -63.96 7.82 -5.20
N ARG A 325 -64.11 7.67 -6.51
CA ARG A 325 -63.11 6.95 -7.30
C ARG A 325 -61.74 7.62 -7.25
N GLU A 326 -61.71 8.94 -7.44
CA GLU A 326 -60.47 9.70 -7.41
C GLU A 326 -59.78 9.65 -6.06
N SER A 327 -60.54 9.83 -4.99
CA SER A 327 -59.99 9.79 -3.64
C SER A 327 -59.45 8.39 -3.34
N HIS A 328 -60.16 7.37 -3.83
CA HIS A 328 -59.70 6.00 -3.68
C HIS A 328 -58.37 5.81 -4.38
N GLN A 329 -58.25 6.34 -5.58
CA GLN A 329 -57.01 6.25 -6.36
C GLN A 329 -55.85 6.95 -5.65
N LYS A 330 -56.11 8.16 -5.15
CA LYS A 330 -55.06 8.95 -4.49
C LYS A 330 -54.62 8.31 -3.17
N ALA A 331 -55.59 7.76 -2.43
CA ALA A 331 -55.29 7.05 -1.19
C ALA A 331 -54.46 5.81 -1.50
N THR A 332 -54.84 5.11 -2.57
CA THR A 332 -54.14 3.92 -3.00
C THR A 332 -52.68 4.23 -3.37
N GLU A 333 -52.48 5.31 -4.10
CA GLU A 333 -51.14 5.73 -4.51
C GLU A 333 -50.28 6.16 -3.32
N GLU A 334 -50.84 7.03 -2.49
CA GLU A 334 -50.15 7.51 -1.30
C GLU A 334 -49.77 6.34 -0.38
N LEU A 335 -50.65 5.34 -0.35
CA LEU A 335 -50.36 4.13 0.40
C LEU A 335 -49.29 3.31 -0.31
N ARG A 336 -49.24 3.39 -1.62
CA ARG A 336 -48.24 2.65 -2.37
C ARG A 336 -46.86 3.24 -2.11
N ARG A 337 -46.82 4.52 -1.77
CA ARG A 337 -45.55 5.15 -1.43
C ARG A 337 -44.95 4.64 -0.11
N CYS A 338 -45.81 4.15 0.80
CA CYS A 338 -45.33 3.55 2.05
C CYS A 338 -46.09 2.28 2.41
N GLY A 339 -45.39 1.16 2.56
CA GLY A 339 -46.04 -0.09 2.88
C GLY A 339 -45.16 -1.14 3.50
N ALA A 340 -43.84 -0.94 3.41
CA ALA A 340 -42.89 -1.95 3.86
C ALA A 340 -42.77 -1.94 5.39
N ASP A 341 -43.67 -2.66 6.05
CA ASP A 341 -43.73 -2.64 7.51
C ASP A 341 -43.72 -4.02 8.19
N ILE A 342 -44.44 -4.97 7.60
CA ILE A 342 -44.64 -6.31 8.16
C ILE A 342 -43.35 -7.07 8.46
N PRO A 343 -43.15 -7.44 9.73
CA PRO A 343 -42.01 -8.25 10.15
C PRO A 343 -42.28 -9.76 10.13
N SER A 344 -43.39 -10.18 10.74
CA SER A 344 -43.90 -11.55 10.65
C SER A 344 -42.88 -12.58 11.11
N GLN A 345 -42.72 -12.68 12.43
CA GLN A 345 -41.80 -13.61 13.07
C GLN A 345 -40.35 -13.48 12.61
N GLU A 346 -39.88 -12.24 12.43
CA GLU A 346 -38.48 -11.94 12.11
C GLU A 346 -37.98 -12.47 10.75
N ALA A 347 -38.55 -13.58 10.27
CA ALA A 347 -38.13 -14.16 9.00
C ALA A 347 -38.43 -13.28 7.79
N ASP A 348 -39.67 -12.81 7.66
CA ASP A 348 -40.03 -11.92 6.57
C ASP A 348 -39.35 -10.57 6.76
N LYS A 349 -38.82 -10.35 7.96
CA LYS A 349 -38.15 -9.10 8.32
C LYS A 349 -36.68 -9.15 7.91
N MET A 350 -36.01 -10.24 8.26
CA MET A 350 -34.62 -10.41 7.84
C MET A 350 -34.57 -10.53 6.33
N PHE A 351 -35.55 -11.22 5.76
CA PHE A 351 -35.64 -11.35 4.30
C PHE A 351 -35.89 -9.99 3.66
N PHE A 352 -36.75 -9.20 4.29
CA PHE A 352 -36.98 -7.83 3.83
C PHE A 352 -35.70 -7.00 3.83
N LEU A 353 -34.95 -7.09 4.91
CA LEU A 353 -33.66 -6.39 5.01
C LEU A 353 -32.71 -6.85 3.91
N ILE A 354 -32.67 -8.15 3.66
CA ILE A 354 -31.87 -8.70 2.57
C ILE A 354 -32.27 -8.07 1.24
N GLU A 355 -33.57 -7.96 1.01
CA GLU A 355 -34.08 -7.32 -0.21
C GLU A 355 -33.60 -5.87 -0.33
N LYS A 356 -33.74 -5.11 0.75
CA LYS A 356 -33.34 -3.71 0.77
C LYS A 356 -31.85 -3.53 0.46
N ILE A 357 -31.02 -4.29 1.17
CA ILE A 357 -29.57 -4.23 0.97
C ILE A 357 -29.21 -4.63 -0.45
N LYS A 358 -29.89 -5.65 -0.96
CA LYS A 358 -29.69 -6.10 -2.34
C LYS A 358 -29.96 -4.96 -3.34
N MET A 359 -31.12 -4.33 -3.20
CA MET A 359 -31.49 -3.22 -4.08
C MET A 359 -30.49 -2.06 -3.98
N PHE A 360 -30.10 -1.72 -2.76
CA PHE A 360 -29.12 -0.67 -2.53
C PHE A 360 -27.81 -0.95 -3.25
N ASN A 361 -27.29 -2.15 -3.05
CA ASN A 361 -26.05 -2.57 -3.72
C ASN A 361 -26.19 -2.54 -5.23
N GLN A 362 -27.37 -2.91 -5.72
CA GLN A 362 -27.65 -2.85 -7.16
C GLN A 362 -27.53 -1.42 -7.67
N ASP A 363 -28.16 -0.48 -6.98
CA ASP A 363 -28.10 0.92 -7.39
C ASP A 363 -26.68 1.49 -7.31
N ILE A 364 -25.95 1.10 -6.28
CA ILE A 364 -24.55 1.51 -6.15
C ILE A 364 -23.73 1.00 -7.34
N GLU A 365 -23.93 -0.26 -7.69
CA GLU A 365 -23.27 -0.87 -8.84
C GLU A 365 -23.64 -0.13 -10.13
N LYS A 366 -24.90 0.31 -10.20
CA LYS A 366 -25.36 1.12 -11.33
C LYS A 366 -24.59 2.43 -11.40
N LEU A 367 -24.38 3.06 -10.25
CA LEU A 367 -23.60 4.28 -10.17
C LEU A 367 -22.18 4.07 -10.65
N VAL A 368 -21.56 2.97 -10.21
CA VAL A 368 -20.18 2.67 -10.57
C VAL A 368 -20.06 2.41 -12.08
N GLU A 369 -20.97 1.60 -12.61
CA GLU A 369 -20.95 1.24 -14.03
C GLU A 369 -21.44 2.38 -14.92
N GLY A 370 -22.15 3.34 -14.32
CA GLY A 370 -22.70 4.44 -15.08
C GLY A 370 -24.01 4.05 -15.75
N GLU A 371 -24.68 3.04 -15.20
CA GLU A 371 -25.95 2.57 -15.72
C GLU A 371 -27.09 3.02 -14.82
N GLU A 372 -27.15 4.30 -14.54
CA GLU A 372 -28.17 4.86 -13.65
C GLU A 372 -29.26 5.58 -14.43
N VAL A 373 -30.43 5.71 -13.81
CA VAL A 373 -31.55 6.42 -14.41
C VAL A 373 -31.57 7.88 -13.92
N VAL A 374 -31.51 8.81 -14.86
CA VAL A 374 -31.48 10.24 -14.51
C VAL A 374 -32.68 10.97 -15.08
N ARG A 375 -32.99 12.14 -14.50
CA ARG A 375 -34.11 12.95 -14.93
C ARG A 375 -33.76 13.77 -16.18
N GLU A 376 -34.73 14.52 -16.67
CA GLU A 376 -34.53 15.37 -17.84
C GLU A 376 -33.47 16.43 -17.58
N ASN A 377 -32.58 16.62 -18.55
CA ASN A 377 -31.49 17.60 -18.47
C ASN A 377 -30.54 17.34 -17.31
N GLU A 378 -30.55 16.11 -16.80
CA GLU A 378 -29.65 15.71 -15.73
C GLU A 378 -28.60 14.73 -16.25
N THR A 379 -27.34 14.94 -15.86
CA THR A 379 -26.26 14.11 -16.33
C THR A 379 -25.86 13.06 -15.30
N ARG A 380 -25.18 12.01 -15.75
CA ARG A 380 -24.75 10.93 -14.87
C ARG A 380 -23.40 11.25 -14.22
N LEU A 381 -23.16 10.65 -13.06
CA LEU A 381 -21.92 10.83 -12.30
C LEU A 381 -20.67 10.55 -13.13
N TYR A 382 -20.64 9.38 -13.76
CA TYR A 382 -19.49 8.95 -14.56
C TYR A 382 -19.16 9.97 -15.65
N ASN A 383 -20.20 10.54 -16.25
CA ASN A 383 -20.03 11.54 -17.29
C ASN A 383 -19.41 12.83 -16.75
N LYS A 384 -19.85 13.24 -15.57
CA LYS A 384 -19.28 14.41 -14.89
C LYS A 384 -17.79 14.18 -14.62
N ILE A 385 -17.48 13.01 -14.09
CA ILE A 385 -16.10 12.63 -13.82
C ILE A 385 -15.28 12.66 -15.10
N ARG A 386 -15.88 12.20 -16.20
CA ARG A 386 -15.23 12.24 -17.50
C ARG A 386 -14.98 13.68 -17.96
N GLU A 387 -15.90 14.58 -17.63
CA GLU A 387 -15.72 16.00 -17.93
C GLU A 387 -14.50 16.53 -17.18
N ASP A 388 -14.42 16.19 -15.90
CA ASP A 388 -13.27 16.58 -15.08
C ASP A 388 -11.97 16.04 -15.70
N PHE A 389 -12.03 14.82 -16.22
CA PHE A 389 -10.89 14.23 -16.90
C PHE A 389 -10.51 15.01 -18.15
N LYS A 390 -11.51 15.49 -18.88
CA LYS A 390 -11.27 16.34 -20.04
C LYS A 390 -10.55 17.61 -19.62
N ASN A 391 -10.98 18.18 -18.50
CA ASN A 391 -10.32 19.34 -17.92
C ASN A 391 -8.86 19.05 -17.64
N TRP A 392 -8.61 17.89 -17.03
CA TRP A 392 -7.26 17.41 -16.76
C TRP A 392 -6.41 17.35 -18.03
N VAL A 393 -6.99 16.78 -19.09
CA VAL A 393 -6.32 16.71 -20.38
C VAL A 393 -5.96 18.10 -20.90
N GLY A 394 -6.90 19.02 -20.79
CA GLY A 394 -6.66 20.41 -21.17
C GLY A 394 -5.49 21.03 -20.44
N ILE A 395 -5.48 20.85 -19.12
CA ILE A 395 -4.38 21.33 -18.28
C ILE A 395 -3.05 20.75 -18.75
N LEU A 396 -3.03 19.45 -19.00
CA LEU A 396 -1.83 18.77 -19.46
C LEU A 396 -1.35 19.34 -20.79
N ALA A 397 -2.28 19.65 -21.68
CA ALA A 397 -1.92 20.27 -22.96
C ALA A 397 -1.29 21.63 -22.76
N THR A 398 -1.93 22.44 -21.91
CA THR A 398 -1.43 23.77 -21.59
C THR A 398 -0.01 23.74 -21.05
N ASN A 399 0.22 22.94 -20.03
CA ASN A 399 1.53 22.82 -19.41
C ASN A 399 2.55 22.19 -20.37
N THR A 400 2.06 21.33 -21.27
CA THR A 400 2.92 20.72 -22.28
C THR A 400 3.47 21.78 -23.22
N GLN A 401 2.59 22.63 -23.73
CA GLN A 401 3.00 23.73 -24.60
C GLN A 401 3.92 24.70 -23.86
N LYS A 402 3.57 24.98 -22.60
CA LYS A 402 4.36 25.86 -21.75
C LYS A 402 5.80 25.37 -21.63
N VAL A 403 5.97 24.16 -21.12
CA VAL A 403 7.30 23.59 -20.91
C VAL A 403 8.00 23.37 -22.25
N LYS A 404 7.22 23.23 -23.32
CA LYS A 404 7.76 23.13 -24.66
C LYS A 404 8.50 24.43 -25.00
N ASN A 405 7.80 25.55 -24.83
CA ASN A 405 8.40 26.86 -25.05
C ASN A 405 9.61 27.10 -24.14
N ILE A 406 9.46 26.74 -22.87
CA ILE A 406 10.54 26.92 -21.89
C ILE A 406 11.81 26.19 -22.29
N ILE A 407 11.69 24.88 -22.54
CA ILE A 407 12.85 24.08 -22.91
C ILE A 407 13.36 24.49 -24.29
N HIS A 408 12.47 25.00 -25.12
CA HIS A 408 12.87 25.52 -26.43
C HIS A 408 13.83 26.67 -26.27
N GLU A 409 13.45 27.65 -25.44
CA GLU A 409 14.31 28.81 -25.20
C GLU A 409 15.60 28.41 -24.47
N GLU A 410 15.49 27.48 -23.53
CA GLU A 410 16.65 27.00 -22.78
C GLU A 410 17.70 26.38 -23.71
N VAL A 411 17.25 25.41 -24.52
CA VAL A 411 18.14 24.73 -25.46
C VAL A 411 18.67 25.71 -26.50
N GLU A 412 17.79 26.55 -27.03
CA GLU A 412 18.16 27.54 -28.04
C GLU A 412 19.26 28.46 -27.52
N LYS A 413 19.18 28.83 -26.25
CA LYS A 413 20.13 29.76 -25.67
C LYS A 413 21.45 29.06 -25.31
N TYR A 414 21.38 28.07 -24.42
CA TYR A 414 22.60 27.49 -23.85
C TYR A 414 23.38 26.56 -24.77
N GLU A 415 22.84 26.30 -25.96
CA GLU A 415 23.59 25.57 -26.97
C GLU A 415 24.45 26.54 -27.80
N LYS A 416 24.10 27.81 -27.76
CA LYS A 416 24.85 28.83 -28.48
C LYS A 416 25.73 29.64 -27.52
N GLN A 417 25.50 29.47 -26.23
CA GLN A 417 26.29 30.16 -25.21
C GLN A 417 27.67 29.53 -25.13
N ALA A 418 28.70 30.34 -25.36
CA ALA A 418 30.09 29.89 -25.32
C ALA A 418 30.31 28.74 -26.30
N ALA A 419 29.82 28.91 -27.53
CA ALA A 419 29.92 27.90 -28.56
C ALA A 419 31.38 27.66 -28.97
N ALA A 420 32.20 28.70 -28.86
CA ALA A 420 33.61 28.59 -29.18
C ALA A 420 34.48 29.24 -28.10
N ALA A 421 34.25 28.84 -26.86
CA ALA A 421 35.09 29.29 -25.74
C ALA A 421 35.87 28.10 -25.16
N GLU A 422 37.20 28.23 -25.12
CA GLU A 422 38.04 27.15 -24.64
C GLU A 422 37.94 26.97 -23.13
N LEU A 423 37.09 26.04 -22.71
CA LEU A 423 36.90 25.75 -21.29
C LEU A 423 37.06 24.26 -21.01
N LEU A 424 36.16 23.73 -20.19
CA LEU A 424 36.08 22.30 -19.91
C LEU A 424 34.70 21.81 -20.34
N GLY A 425 33.72 22.70 -20.22
CA GLY A 425 32.37 22.41 -20.66
C GLY A 425 31.56 21.49 -19.76
N PHE A 426 30.33 21.22 -20.16
CA PHE A 426 29.79 21.80 -21.39
C PHE A 426 28.42 22.44 -21.18
N VAL A 427 28.45 23.65 -20.62
CA VAL A 427 27.27 24.46 -20.31
C VAL A 427 26.07 23.67 -19.76
N ASN A 428 26.28 23.01 -18.62
CA ASN A 428 25.23 22.30 -17.88
C ASN A 428 24.57 21.13 -18.60
N TYR A 429 24.22 20.10 -17.82
CA TYR A 429 23.47 18.95 -18.32
C TYR A 429 22.45 18.45 -17.30
N LYS A 430 22.82 18.50 -16.03
CA LYS A 430 21.94 18.12 -14.93
C LYS A 430 20.76 19.09 -14.80
N THR A 431 20.98 20.32 -15.25
CA THR A 431 20.01 21.41 -15.14
C THR A 431 18.64 21.15 -15.75
N PHE A 432 18.58 20.56 -16.94
CA PHE A 432 17.30 20.32 -17.62
C PHE A 432 16.38 19.42 -16.80
N GLU A 433 16.97 18.55 -15.99
CA GLU A 433 16.22 17.66 -15.13
C GLU A 433 15.33 18.42 -14.14
N ILE A 434 15.80 19.56 -13.66
CA ILE A 434 14.99 20.36 -12.73
C ILE A 434 13.88 21.09 -13.50
N ILE A 435 14.10 21.34 -14.78
CA ILE A 435 13.05 21.88 -15.64
C ILE A 435 11.93 20.86 -15.77
N VAL A 436 12.32 19.62 -16.07
CA VAL A 436 11.36 18.51 -16.11
C VAL A 436 10.65 18.40 -14.77
N HIS A 437 11.41 18.55 -13.70
CA HIS A 437 10.89 18.50 -12.34
C HIS A 437 9.82 19.55 -12.12
N GLN A 438 10.05 20.77 -12.60
CA GLN A 438 9.05 21.82 -12.53
C GLN A 438 7.81 21.43 -13.31
N TYR A 439 8.01 20.94 -14.53
CA TYR A 439 6.91 20.50 -15.39
C TYR A 439 6.02 19.46 -14.71
N ILE A 440 6.63 18.53 -13.99
CA ILE A 440 5.88 17.51 -13.27
C ILE A 440 5.22 18.06 -12.02
N GLN A 441 5.96 18.88 -11.28
CA GLN A 441 5.50 19.44 -10.01
C GLN A 441 4.27 20.33 -10.18
N GLN A 442 4.22 21.07 -11.28
CA GLN A 442 3.07 21.94 -11.54
C GLN A 442 1.78 21.14 -11.68
N LEU A 443 1.90 19.85 -11.97
CA LEU A 443 0.76 18.99 -12.22
C LEU A 443 0.23 18.33 -10.95
N VAL A 444 1.00 18.43 -9.86
CA VAL A 444 0.66 17.74 -8.62
C VAL A 444 -0.65 18.21 -8.01
N GLU A 445 -0.77 19.52 -7.78
CA GLU A 445 -1.93 20.09 -7.11
C GLU A 445 -3.23 20.02 -7.93
N PRO A 446 -3.18 20.31 -9.25
CA PRO A 446 -4.42 20.16 -10.02
C PRO A 446 -5.02 18.75 -9.99
N ALA A 447 -4.15 17.74 -10.09
CA ALA A 447 -4.60 16.35 -10.04
C ALA A 447 -5.29 16.05 -8.72
N LEU A 448 -4.67 16.46 -7.61
CA LEU A 448 -5.24 16.29 -6.28
C LEU A 448 -6.57 17.00 -6.15
N SER A 449 -6.68 18.18 -6.78
CA SER A 449 -7.92 18.95 -6.78
C SER A 449 -9.02 18.18 -7.50
N MET A 450 -8.68 17.62 -8.65
CA MET A 450 -9.62 16.80 -9.42
C MET A 450 -10.09 15.61 -8.59
N LEU A 451 -9.14 14.95 -7.92
CA LEU A 451 -9.46 13.86 -7.01
C LEU A 451 -10.45 14.30 -5.94
N GLN A 452 -10.19 15.47 -5.37
CA GLN A 452 -11.07 16.05 -4.36
C GLN A 452 -12.49 16.23 -4.88
N LYS A 453 -12.61 16.87 -6.04
CA LYS A 453 -13.91 17.10 -6.68
C LYS A 453 -14.66 15.79 -6.92
N ALA A 454 -13.96 14.83 -7.52
CA ALA A 454 -14.52 13.52 -7.81
C ALA A 454 -15.05 12.86 -6.53
N MET A 455 -14.22 12.88 -5.49
CA MET A 455 -14.58 12.28 -4.22
C MET A 455 -15.81 12.97 -3.64
N GLU A 456 -15.91 14.28 -3.84
CA GLU A 456 -17.04 15.06 -3.36
C GLU A 456 -18.33 14.65 -4.06
N ILE A 457 -18.34 14.72 -5.38
CA ILE A 457 -19.57 14.43 -6.14
C ILE A 457 -19.99 12.95 -5.98
N ILE A 458 -19.02 12.05 -5.97
CA ILE A 458 -19.31 10.64 -5.76
C ILE A 458 -19.90 10.40 -4.37
N GLN A 459 -19.28 11.01 -3.37
CA GLN A 459 -19.82 10.97 -2.01
C GLN A 459 -21.28 11.44 -2.00
N GLN A 460 -21.53 12.57 -2.65
CA GLN A 460 -22.87 13.12 -2.74
C GLN A 460 -23.86 12.12 -3.34
N ALA A 461 -23.46 11.50 -4.46
CA ALA A 461 -24.31 10.50 -5.11
C ALA A 461 -24.63 9.33 -4.19
N PHE A 462 -23.60 8.79 -3.55
CA PHE A 462 -23.76 7.65 -2.64
C PHE A 462 -24.70 8.01 -1.49
N ILE A 463 -24.51 9.19 -0.91
CA ILE A 463 -25.39 9.69 0.14
C ILE A 463 -26.83 9.81 -0.35
N ASN A 464 -26.99 10.27 -1.59
CA ASN A 464 -28.30 10.39 -2.20
C ASN A 464 -29.01 9.04 -2.29
N VAL A 465 -28.28 8.02 -2.76
CA VAL A 465 -28.84 6.67 -2.83
C VAL A 465 -29.19 6.15 -1.44
N ALA A 466 -28.29 6.38 -0.49
CA ALA A 466 -28.52 5.96 0.90
C ALA A 466 -29.78 6.61 1.47
N LYS A 467 -30.04 7.85 1.08
CA LYS A 467 -31.23 8.57 1.51
C LYS A 467 -32.47 8.01 0.83
N LYS A 468 -32.32 7.64 -0.44
CA LYS A 468 -33.42 7.09 -1.22
C LYS A 468 -33.91 5.75 -0.67
N HIS A 469 -32.98 4.82 -0.47
CA HIS A 469 -33.33 3.49 0.00
C HIS A 469 -33.66 3.42 1.48
N PHE A 470 -33.06 4.32 2.27
CA PHE A 470 -33.25 4.28 3.72
C PHE A 470 -33.78 5.60 4.28
N GLY A 471 -34.79 6.16 3.61
CA GLY A 471 -35.41 7.39 4.05
C GLY A 471 -36.23 7.22 5.32
N GLU A 472 -37.14 6.26 5.32
CA GLU A 472 -38.03 6.03 6.45
C GLU A 472 -37.28 5.49 7.66
N PHE A 473 -36.19 4.78 7.43
CA PHE A 473 -35.41 4.18 8.50
C PHE A 473 -34.23 5.06 8.88
N PHE A 474 -34.33 5.74 10.01
CA PHE A 474 -33.32 6.70 10.44
C PHE A 474 -32.00 6.06 10.84
N ASN A 475 -32.07 5.10 11.76
CA ASN A 475 -30.86 4.46 12.30
C ASN A 475 -30.05 3.75 11.22
N LEU A 476 -30.73 2.95 10.42
CA LEU A 476 -30.10 2.24 9.31
C LEU A 476 -29.41 3.22 8.36
N ASN A 477 -30.10 4.32 8.06
CA ASN A 477 -29.54 5.37 7.23
C ASN A 477 -28.28 5.97 7.83
N GLN A 478 -28.31 6.20 9.14
CA GLN A 478 -27.14 6.72 9.85
C GLN A 478 -25.95 5.77 9.75
N THR A 479 -26.21 4.48 9.98
CA THR A 479 -25.17 3.47 9.87
C THR A 479 -24.57 3.43 8.46
N VAL A 480 -25.44 3.37 7.47
CA VAL A 480 -25.02 3.33 6.07
C VAL A 480 -24.17 4.55 5.69
N GLN A 481 -24.64 5.74 6.08
CA GLN A 481 -23.93 6.97 5.76
C GLN A 481 -22.58 7.04 6.47
N SER A 482 -22.53 6.57 7.71
CA SER A 482 -21.27 6.50 8.45
C SER A 482 -20.27 5.60 7.73
N THR A 483 -20.75 4.41 7.33
CA THR A 483 -19.94 3.48 6.57
C THR A 483 -19.40 4.11 5.29
N ILE A 484 -20.30 4.75 4.54
CA ILE A 484 -19.94 5.46 3.32
C ILE A 484 -18.84 6.48 3.58
N GLU A 485 -18.98 7.22 4.67
CA GLU A 485 -18.00 8.23 5.07
C GLU A 485 -16.63 7.60 5.31
N ASP A 486 -16.59 6.57 6.15
CA ASP A 486 -15.35 5.89 6.48
C ASP A 486 -14.64 5.34 5.24
N ILE A 487 -15.37 4.57 4.44
CA ILE A 487 -14.81 3.97 3.23
C ILE A 487 -14.33 5.06 2.27
N LYS A 488 -15.11 6.12 2.15
CA LYS A 488 -14.72 7.28 1.35
C LYS A 488 -13.37 7.84 1.78
N VAL A 489 -13.21 8.05 3.08
CA VAL A 489 -11.96 8.57 3.62
C VAL A 489 -10.79 7.64 3.31
N LYS A 490 -10.98 6.35 3.59
CA LYS A 490 -9.93 5.35 3.36
C LYS A 490 -9.48 5.32 1.91
N HIS A 491 -10.44 5.18 1.01
CA HIS A 491 -10.15 5.11 -0.43
C HIS A 491 -9.59 6.43 -0.95
N THR A 492 -9.94 7.53 -0.29
CA THR A 492 -9.38 8.82 -0.64
C THR A 492 -7.89 8.85 -0.31
N ALA A 493 -7.55 8.37 0.88
CA ALA A 493 -6.17 8.24 1.29
C ALA A 493 -5.39 7.37 0.32
N LYS A 494 -5.97 6.21 -0.02
CA LYS A 494 -5.37 5.30 -0.99
C LYS A 494 -5.10 5.99 -2.33
N ALA A 495 -6.11 6.68 -2.84
CA ALA A 495 -6.02 7.34 -4.13
C ALA A 495 -4.94 8.42 -4.15
N GLU A 496 -4.93 9.26 -3.12
CA GLU A 496 -3.94 10.33 -3.03
C GLU A 496 -2.54 9.76 -2.90
N ASN A 497 -2.40 8.70 -2.12
CA ASN A 497 -1.12 8.02 -1.99
C ASN A 497 -0.62 7.46 -3.30
N MET A 498 -1.54 6.89 -4.09
CA MET A 498 -1.18 6.32 -5.39
C MET A 498 -0.82 7.41 -6.40
N ILE A 499 -1.50 8.55 -6.33
CA ILE A 499 -1.19 9.68 -7.19
C ILE A 499 0.19 10.23 -6.89
N GLN A 500 0.45 10.50 -5.61
CA GLN A 500 1.75 10.97 -5.16
C GLN A 500 2.84 9.98 -5.54
N LEU A 501 2.54 8.69 -5.43
CA LEU A 501 3.47 7.64 -5.83
C LEU A 501 3.76 7.73 -7.33
N GLN A 502 2.71 7.96 -8.12
CA GLN A 502 2.84 8.09 -9.56
C GLN A 502 3.77 9.24 -9.93
N PHE A 503 3.53 10.40 -9.32
CA PHE A 503 4.37 11.57 -9.59
C PHE A 503 5.82 11.35 -9.13
N ARG A 504 5.98 10.65 -8.00
CA ARG A 504 7.30 10.32 -7.50
C ARG A 504 8.05 9.42 -8.49
N MET A 505 7.32 8.50 -9.12
CA MET A 505 7.90 7.65 -10.15
C MET A 505 8.25 8.46 -11.38
N GLU A 506 7.40 9.42 -11.73
CA GLU A 506 7.66 10.29 -12.88
C GLU A 506 8.91 11.14 -12.67
N GLN A 507 9.16 11.54 -11.43
CA GLN A 507 10.31 12.39 -11.13
C GLN A 507 11.60 11.60 -10.93
N MET A 508 11.57 10.61 -10.05
CA MET A 508 12.75 9.86 -9.65
C MET A 508 13.30 8.95 -10.75
N VAL A 509 12.53 8.73 -11.81
CA VAL A 509 12.95 7.85 -12.89
C VAL A 509 13.15 8.61 -14.20
N PHE A 510 14.27 8.33 -14.87
CA PHE A 510 14.57 8.96 -16.14
C PHE A 510 14.87 7.92 -17.23
N SER A 553 22.36 21.65 -36.33
CA SER A 553 21.63 20.76 -35.42
C SER A 553 21.79 21.21 -33.97
N PHE A 554 21.40 22.45 -33.70
CA PHE A 554 21.52 23.00 -32.35
C PHE A 554 20.41 22.52 -31.43
N THR A 555 19.20 22.36 -31.97
CA THR A 555 18.05 22.00 -31.14
C THR A 555 17.58 20.56 -31.31
N GLU A 556 18.51 19.61 -31.28
CA GLU A 556 18.15 18.19 -31.31
C GLU A 556 17.58 17.78 -29.96
N ILE A 557 18.27 18.20 -28.91
CA ILE A 557 17.86 17.96 -27.52
C ILE A 557 16.43 18.46 -27.29
N GLY A 558 16.12 19.63 -27.86
CA GLY A 558 14.79 20.19 -27.79
C GLY A 558 13.75 19.25 -28.36
N ILE A 559 14.07 18.64 -29.50
CA ILE A 559 13.19 17.67 -30.14
C ILE A 559 12.99 16.45 -29.24
N HIS A 560 14.10 15.90 -28.76
CA HIS A 560 14.07 14.73 -27.88
C HIS A 560 13.15 14.98 -26.69
N LEU A 561 13.42 16.08 -26.00
CA LEU A 561 12.68 16.44 -24.79
C LEU A 561 11.22 16.76 -25.10
N ASN A 562 10.95 17.31 -26.28
CA ASN A 562 9.57 17.54 -26.70
C ASN A 562 8.81 16.23 -26.85
N ALA A 563 9.45 15.26 -27.50
CA ALA A 563 8.87 13.92 -27.63
C ALA A 563 8.59 13.34 -26.24
N TYR A 564 9.57 13.49 -25.34
CA TYR A 564 9.43 13.04 -23.97
C TYR A 564 8.23 13.69 -23.28
N PHE A 565 8.06 14.99 -23.48
CA PHE A 565 6.96 15.74 -22.88
C PHE A 565 5.62 15.26 -23.41
N LEU A 566 5.57 14.95 -24.70
CA LEU A 566 4.34 14.44 -25.31
C LEU A 566 3.97 13.08 -24.72
N GLU A 567 4.93 12.17 -24.72
CA GLU A 567 4.72 10.82 -24.19
C GLU A 567 4.31 10.85 -22.72
N THR A 568 4.98 11.69 -21.95
CA THR A 568 4.65 11.85 -20.53
C THR A 568 3.24 12.40 -20.36
N SER A 569 2.89 13.37 -21.21
CA SER A 569 1.57 13.97 -21.19
C SER A 569 0.49 12.91 -21.41
N LYS A 570 0.68 12.08 -22.44
CA LYS A 570 -0.25 10.99 -22.72
C LYS A 570 -0.34 10.03 -21.53
N ARG A 571 0.82 9.58 -21.08
CA ARG A 571 0.91 8.60 -19.99
C ARG A 571 0.16 9.06 -18.76
N LEU A 572 0.36 10.31 -18.35
CA LEU A 572 -0.34 10.87 -17.20
C LEU A 572 -1.83 11.02 -17.49
N ALA A 573 -2.15 11.50 -18.68
CA ALA A 573 -3.53 11.72 -19.12
C ALA A 573 -4.36 10.45 -19.01
N ASN A 574 -3.73 9.30 -19.21
CA ASN A 574 -4.44 8.04 -19.00
C ASN A 574 -4.31 7.53 -17.58
N GLN A 575 -3.15 7.75 -16.95
CA GLN A 575 -2.85 7.15 -15.66
C GLN A 575 -3.67 7.74 -14.50
N ILE A 576 -3.70 9.06 -14.39
CA ILE A 576 -4.38 9.69 -13.24
C ILE A 576 -5.90 9.41 -13.23
N PRO A 577 -6.59 9.57 -14.37
CA PRO A 577 -8.00 9.17 -14.37
C PRO A 577 -8.22 7.69 -14.05
N PHE A 578 -7.26 6.85 -14.41
CA PHE A 578 -7.34 5.42 -14.09
C PHE A 578 -7.35 5.22 -12.58
N ILE A 579 -6.43 5.91 -11.90
CA ILE A 579 -6.33 5.84 -10.44
C ILE A 579 -7.62 6.34 -9.79
N ILE A 580 -8.05 7.54 -10.19
CA ILE A 580 -9.24 8.16 -9.63
C ILE A 580 -10.47 7.27 -9.82
N GLN A 581 -10.68 6.78 -11.04
CA GLN A 581 -11.80 5.88 -11.32
C GLN A 581 -11.73 4.61 -10.50
N TYR A 582 -10.56 3.98 -10.48
CA TYR A 582 -10.38 2.71 -9.79
C TYR A 582 -10.65 2.81 -8.30
N PHE A 583 -10.14 3.84 -7.65
CA PHE A 583 -10.28 3.97 -6.21
C PHE A 583 -11.58 4.61 -5.75
N MET A 584 -12.08 5.58 -6.51
CA MET A 584 -13.27 6.32 -6.08
C MET A 584 -14.59 5.68 -6.53
N LEU A 585 -14.54 4.92 -7.62
CA LEU A 585 -15.76 4.29 -8.15
C LEU A 585 -15.82 2.79 -7.85
N ARG A 586 -14.91 2.03 -8.46
CA ARG A 586 -14.95 0.58 -8.37
C ARG A 586 -14.67 0.05 -6.96
N GLU A 587 -13.50 0.37 -6.42
CA GLU A 587 -13.11 -0.13 -5.11
C GLU A 587 -14.03 0.39 -4.01
N ASN A 588 -14.36 1.67 -4.10
CA ASN A 588 -15.27 2.31 -3.15
C ASN A 588 -16.64 1.62 -3.16
N GLY A 589 -17.18 1.41 -4.36
CA GLY A 589 -18.45 0.75 -4.53
C GLY A 589 -18.46 -0.68 -4.00
N ASP A 590 -17.43 -1.43 -4.37
CA ASP A 590 -17.31 -2.82 -3.94
C ASP A 590 -17.20 -2.93 -2.42
N SER A 591 -16.32 -2.12 -1.84
CA SER A 591 -16.16 -2.08 -0.38
C SER A 591 -17.47 -1.71 0.30
N LEU A 592 -18.20 -0.78 -0.31
CA LEU A 592 -19.49 -0.35 0.20
C LEU A 592 -20.49 -1.50 0.22
N GLN A 593 -20.59 -2.20 -0.90
CA GLN A 593 -21.49 -3.34 -1.02
C GLN A 593 -21.15 -4.44 -0.03
N LYS A 594 -19.86 -4.74 0.10
CA LYS A 594 -19.39 -5.76 1.03
C LYS A 594 -19.70 -5.36 2.47
N ALA A 595 -19.63 -4.06 2.75
CA ALA A 595 -19.99 -3.55 4.07
C ALA A 595 -21.49 -3.69 4.31
N MET A 596 -22.28 -3.46 3.26
CA MET A 596 -23.73 -3.59 3.34
C MET A 596 -24.11 -5.04 3.64
N MET A 597 -23.40 -5.98 3.02
CA MET A 597 -23.59 -7.39 3.30
C MET A 597 -23.13 -7.70 4.72
N GLN A 598 -22.09 -6.99 5.17
CA GLN A 598 -21.56 -7.16 6.51
C GLN A 598 -22.55 -6.69 7.58
N ILE A 599 -23.40 -5.75 7.22
CA ILE A 599 -24.38 -5.18 8.14
C ILE A 599 -25.33 -6.24 8.71
N LEU A 600 -25.88 -7.08 7.83
CA LEU A 600 -26.92 -8.03 8.24
C LEU A 600 -26.37 -9.23 8.99
N GLN A 601 -25.10 -9.19 9.36
CA GLN A 601 -24.49 -10.30 10.11
C GLN A 601 -25.04 -10.39 11.53
N GLU A 602 -25.44 -9.25 12.09
CA GLU A 602 -26.00 -9.23 13.43
C GLU A 602 -27.52 -9.24 13.40
N LYS A 603 -28.10 -10.37 13.79
CA LYS A 603 -29.55 -10.56 13.73
C LYS A 603 -30.28 -9.68 14.74
N ASN A 604 -29.83 -9.72 15.99
CA ASN A 604 -30.50 -9.01 17.07
C ASN A 604 -30.44 -7.49 16.93
N ARG A 605 -29.74 -7.01 15.90
CA ARG A 605 -29.63 -5.59 15.62
C ARG A 605 -30.74 -5.14 14.67
N TYR A 606 -31.35 -6.10 13.98
CA TYR A 606 -32.35 -5.83 12.94
C TYR A 606 -33.45 -4.88 13.43
N SER A 607 -34.04 -5.19 14.58
CA SER A 607 -35.12 -4.38 15.14
C SER A 607 -34.68 -2.93 15.36
N TRP A 608 -33.42 -2.73 15.73
CA TRP A 608 -32.89 -1.39 15.90
C TRP A 608 -32.71 -0.71 14.55
N LEU A 609 -32.30 -1.49 13.55
CA LEU A 609 -32.07 -0.96 12.21
C LEU A 609 -33.37 -0.55 11.54
N LEU A 610 -34.34 -1.47 11.51
CA LEU A 610 -35.62 -1.21 10.87
C LEU A 610 -36.60 -0.53 11.81
N GLN A 611 -36.22 0.63 12.35
CA GLN A 611 -37.10 1.38 13.22
C GLN A 611 -37.73 2.53 12.45
N GLU A 612 -39.04 2.46 12.25
CA GLU A 612 -39.74 3.49 11.49
C GLU A 612 -39.93 4.77 12.31
N GLN A 613 -40.43 5.81 11.65
CA GLN A 613 -40.60 7.12 12.26
C GLN A 613 -41.58 7.07 13.43
N SER A 614 -42.58 6.18 13.30
CA SER A 614 -43.73 6.05 14.20
C SER A 614 -44.74 7.15 13.89
N GLU A 615 -44.59 7.74 12.72
CA GLU A 615 -45.56 8.70 12.21
C GLU A 615 -46.12 8.15 10.91
N THR A 616 -45.24 7.46 10.17
CA THR A 616 -45.62 6.80 8.92
C THR A 616 -46.55 5.62 9.16
N ALA A 617 -46.42 5.01 10.34
CA ALA A 617 -47.27 3.88 10.71
C ALA A 617 -48.70 4.33 10.96
N THR A 618 -48.86 5.41 11.71
CA THR A 618 -50.18 5.99 11.98
C THR A 618 -50.82 6.43 10.67
N LYS A 619 -50.03 7.10 9.84
CA LYS A 619 -50.46 7.52 8.51
C LYS A 619 -50.92 6.33 7.68
N ARG A 620 -50.18 5.23 7.77
CA ARG A 620 -50.51 4.00 7.06
C ARG A 620 -51.85 3.44 7.52
N ARG A 621 -52.05 3.43 8.84
CA ARG A 621 -53.30 2.97 9.41
C ARG A 621 -54.48 3.83 8.93
N ILE A 622 -54.31 5.14 9.00
CA ILE A 622 -55.33 6.08 8.57
C ILE A 622 -55.68 5.89 7.09
N LEU A 623 -54.66 5.76 6.25
CA LEU A 623 -54.86 5.54 4.82
C LEU A 623 -55.58 4.22 4.56
N LYS A 624 -55.22 3.19 5.32
CA LYS A 624 -55.84 1.87 5.17
C LYS A 624 -57.33 1.92 5.52
N GLU A 625 -57.63 2.53 6.67
CA GLU A 625 -59.01 2.70 7.11
C GLU A 625 -59.80 3.51 6.08
N ARG A 626 -59.19 4.57 5.57
CA ARG A 626 -59.79 5.41 4.54
C ARG A 626 -60.16 4.59 3.31
N ILE A 627 -59.21 3.80 2.82
CA ILE A 627 -59.42 2.94 1.66
C ILE A 627 -60.56 1.95 1.90
N TYR A 628 -60.53 1.31 3.06
CA TYR A 628 -61.59 0.37 3.45
C TYR A 628 -62.96 1.04 3.40
N ARG A 629 -63.06 2.20 4.03
CA ARG A 629 -64.31 2.97 4.05
C ARG A 629 -64.77 3.33 2.64
N LEU A 630 -63.82 3.68 1.79
CA LEU A 630 -64.14 4.03 0.40
C LEU A 630 -64.64 2.83 -0.39
N THR A 631 -64.06 1.66 -0.12
CA THR A 631 -64.50 0.43 -0.76
C THR A 631 -65.92 0.08 -0.29
N GLN A 632 -66.19 0.33 0.98
CA GLN A 632 -67.53 0.14 1.52
C GLN A 632 -68.52 1.08 0.84
N ALA A 633 -68.08 2.32 0.60
CA ALA A 633 -68.89 3.31 -0.09
C ALA A 633 -69.21 2.87 -1.52
N ARG A 634 -68.20 2.36 -2.22
CA ARG A 634 -68.37 1.85 -3.57
C ARG A 634 -69.33 0.65 -3.58
N HIS A 635 -69.23 -0.19 -2.56
CA HIS A 635 -70.09 -1.36 -2.44
C HIS A 635 -71.55 -0.93 -2.25
N ALA A 636 -71.78 -0.01 -1.33
CA ALA A 636 -73.12 0.50 -1.06
C ALA A 636 -73.69 1.19 -2.29
N LEU A 637 -72.85 1.93 -2.99
CA LEU A 637 -73.25 2.60 -4.23
C LEU A 637 -73.65 1.59 -5.30
N CYS A 638 -72.90 0.49 -5.35
CA CYS A 638 -73.21 -0.59 -6.28
C CYS A 638 -74.55 -1.24 -5.93
N GLN A 639 -74.82 -1.38 -4.64
CA GLN A 639 -76.10 -1.91 -4.19
C GLN A 639 -77.26 -0.98 -4.57
N PHE A 640 -77.03 0.32 -4.40
CA PHE A 640 -78.04 1.32 -4.73
C PHE A 640 -78.33 1.35 -6.21
N SER A 641 -77.28 1.28 -7.02
CA SER A 641 -77.42 1.29 -8.48
C SER A 641 -78.18 0.07 -8.97
N SER A 642 -78.00 -1.05 -8.28
CA SER A 642 -78.69 -2.29 -8.62
C SER A 642 -80.19 -2.17 -8.40
N TYR B 24 92.49 -3.10 1.30
CA TYR B 24 92.87 -4.50 1.23
C TYR B 24 92.07 -5.36 2.21
N GLU B 25 92.77 -5.97 3.16
CA GLU B 25 92.15 -6.87 4.14
C GLU B 25 91.07 -6.19 4.98
N GLN B 26 91.39 -4.99 5.47
CA GLN B 26 90.46 -4.23 6.31
C GLN B 26 89.22 -3.80 5.52
N LYS B 27 89.29 -3.94 4.20
CA LYS B 27 88.16 -3.64 3.34
C LYS B 27 87.35 -4.89 3.01
N VAL B 28 88.03 -6.04 2.90
CA VAL B 28 87.36 -7.27 2.50
C VAL B 28 86.71 -7.98 3.70
N ARG B 29 87.20 -7.73 4.91
CA ARG B 29 86.58 -8.34 6.09
C ARG B 29 85.13 -7.86 6.34
N PRO B 30 84.89 -6.54 6.31
CA PRO B 30 83.49 -6.12 6.52
C PRO B 30 82.57 -6.56 5.39
N CYS B 31 83.14 -6.94 4.24
CA CYS B 31 82.36 -7.45 3.12
C CYS B 31 81.56 -8.69 3.54
N ILE B 32 82.23 -9.65 4.17
CA ILE B 32 81.55 -10.84 4.67
C ILE B 32 80.87 -10.57 6.00
N ASP B 33 81.41 -9.62 6.77
CA ASP B 33 80.79 -9.24 8.02
C ASP B 33 79.37 -8.71 7.79
N LEU B 34 79.18 -8.06 6.65
CA LEU B 34 77.87 -7.55 6.26
C LEU B 34 76.83 -8.66 6.12
N ILE B 35 77.16 -9.66 5.30
CA ILE B 35 76.25 -10.78 5.08
C ILE B 35 76.03 -11.57 6.36
N ASP B 36 77.09 -11.70 7.16
CA ASP B 36 76.96 -12.35 8.45
C ASP B 36 75.95 -11.62 9.34
N SER B 37 76.02 -10.30 9.33
CA SER B 37 75.09 -9.47 10.09
C SER B 37 73.67 -9.57 9.55
N LEU B 38 73.55 -9.67 8.22
CA LEU B 38 72.25 -9.78 7.57
C LEU B 38 71.55 -11.09 7.89
N ARG B 39 72.31 -12.19 7.88
CA ARG B 39 71.75 -13.49 8.19
C ARG B 39 71.52 -13.63 9.68
N ALA B 40 72.31 -12.90 10.47
CA ALA B 40 72.14 -12.87 11.92
C ALA B 40 70.76 -12.32 12.26
N LEU B 41 70.29 -11.35 11.46
CA LEU B 41 68.97 -10.78 11.63
C LEU B 41 68.01 -11.21 10.52
N GLY B 42 68.37 -12.29 9.80
CA GLY B 42 67.64 -12.72 8.62
C GLY B 42 66.14 -12.84 8.80
N VAL B 43 65.29 -12.43 7.85
CA VAL B 43 65.59 -11.81 6.52
C VAL B 43 66.33 -12.79 5.59
N GLU B 44 66.40 -14.06 5.98
CA GLU B 44 66.85 -15.09 5.06
C GLU B 44 65.68 -15.49 4.15
N GLN B 45 64.48 -15.26 4.66
CA GLN B 45 63.25 -15.62 3.95
C GLN B 45 62.88 -14.58 2.89
N ASP B 46 62.17 -15.03 1.85
CA ASP B 46 61.59 -14.18 0.82
C ASP B 46 62.63 -13.44 -0.02
N LEU B 47 63.89 -13.81 0.11
CA LEU B 47 64.96 -13.23 -0.71
C LEU B 47 66.22 -14.09 -0.69
N ALA B 48 67.01 -13.98 -1.76
CA ALA B 48 68.25 -14.74 -1.86
C ALA B 48 69.38 -14.03 -1.11
N LEU B 49 70.11 -14.79 -0.30
CA LEU B 49 71.19 -14.25 0.49
C LEU B 49 72.48 -15.03 0.27
N PRO B 50 73.57 -14.31 -0.08
CA PRO B 50 74.88 -14.89 -0.37
C PRO B 50 75.36 -15.86 0.72
N ALA B 51 75.74 -17.07 0.30
CA ALA B 51 76.19 -18.10 1.24
C ALA B 51 76.98 -19.19 0.52
N ILE B 52 77.60 -20.07 1.30
CA ILE B 52 78.27 -21.24 0.74
C ILE B 52 77.70 -22.50 1.38
N ALA B 53 77.09 -23.35 0.57
CA ALA B 53 76.42 -24.54 1.07
C ALA B 53 77.28 -25.79 0.95
N VAL B 54 77.44 -26.52 2.05
CA VAL B 54 78.20 -27.75 2.05
C VAL B 54 77.29 -28.95 1.78
N ILE B 55 77.51 -29.61 0.65
CA ILE B 55 76.67 -30.73 0.24
C ILE B 55 77.50 -31.99 -0.03
N GLY B 56 77.00 -33.13 0.42
CA GLY B 56 77.68 -34.39 0.21
C GLY B 56 76.92 -35.57 0.81
N ASP B 57 77.38 -36.77 0.48
CA ASP B 57 76.77 -38.00 1.00
C ASP B 57 77.03 -38.14 2.50
N GLN B 58 76.26 -39.01 3.15
CA GLN B 58 76.43 -39.27 4.57
C GLN B 58 77.78 -39.91 4.87
N SER B 59 78.29 -40.68 3.92
CA SER B 59 79.56 -41.37 4.08
C SER B 59 80.71 -40.61 3.40
N SER B 60 80.43 -39.38 2.98
CA SER B 60 81.45 -38.57 2.31
C SER B 60 82.57 -38.17 3.26
N GLY B 61 82.24 -38.00 4.53
CA GLY B 61 83.23 -37.62 5.53
C GLY B 61 83.46 -36.13 5.55
N LYS B 62 82.47 -35.38 5.09
CA LYS B 62 82.54 -33.92 5.06
C LYS B 62 82.71 -33.32 6.46
N SER B 63 82.20 -34.01 7.47
CA SER B 63 82.32 -33.56 8.84
C SER B 63 83.79 -33.59 9.29
N SER B 64 84.54 -34.53 8.74
CA SER B 64 85.96 -34.65 9.05
C SER B 64 86.74 -33.55 8.34
N VAL B 65 86.23 -33.12 7.18
CA VAL B 65 86.80 -32.01 6.45
C VAL B 65 86.57 -30.71 7.22
N LEU B 66 85.36 -30.55 7.72
CA LEU B 66 85.01 -29.40 8.55
C LEU B 66 85.85 -29.39 9.83
N GLU B 67 86.14 -30.58 10.35
CA GLU B 67 87.00 -30.72 11.51
C GLU B 67 88.44 -30.31 11.18
N ALA B 68 88.90 -30.68 9.99
CA ALA B 68 90.23 -30.32 9.53
C ALA B 68 90.37 -28.81 9.32
N LEU B 69 89.30 -28.18 8.85
CA LEU B 69 89.32 -26.75 8.57
C LEU B 69 89.16 -25.89 9.82
N SER B 70 88.19 -26.25 10.65
CA SER B 70 87.85 -25.42 11.82
C SER B 70 88.60 -25.84 13.07
N GLY B 71 88.97 -27.12 13.16
CA GLY B 71 89.67 -27.62 14.32
C GLY B 71 88.86 -28.64 15.10
N VAL B 72 87.54 -28.59 14.95
CA VAL B 72 86.64 -29.49 15.66
C VAL B 72 85.28 -29.54 14.98
N ALA B 73 84.69 -30.74 14.93
CA ALA B 73 83.38 -30.93 14.30
C ALA B 73 82.66 -32.13 14.90
N LEU B 74 81.44 -32.37 14.43
CA LEU B 74 80.62 -33.48 14.92
C LEU B 74 81.27 -34.82 14.61
N PRO B 75 81.33 -35.71 15.62
CA PRO B 75 81.86 -37.06 15.46
C PRO B 75 80.80 -38.06 14.99
N VAL B 81 75.66 -37.42 11.71
CA VAL B 81 74.81 -36.81 10.69
C VAL B 81 73.99 -35.66 11.27
N THR B 82 74.14 -34.49 10.67
CA THR B 82 73.41 -33.31 11.11
C THR B 82 71.94 -33.39 10.69
N ARG B 83 71.06 -32.81 11.49
CA ARG B 83 69.64 -32.84 11.21
C ARG B 83 69.12 -31.46 10.77
N CYS B 84 69.86 -30.43 11.12
CA CYS B 84 69.52 -29.07 10.73
C CYS B 84 70.76 -28.32 10.28
N PRO B 85 70.60 -27.35 9.36
CA PRO B 85 71.71 -26.57 8.82
C PRO B 85 72.58 -25.91 9.89
N LEU B 86 73.89 -26.00 9.73
CA LEU B 86 74.83 -25.42 10.69
C LEU B 86 75.54 -24.22 10.08
N VAL B 87 75.24 -23.03 10.58
CA VAL B 87 75.86 -21.80 10.10
C VAL B 87 77.24 -21.63 10.72
N LEU B 88 78.25 -22.19 10.04
CA LEU B 88 79.64 -22.11 10.51
C LEU B 88 80.28 -20.77 10.14
N LYS B 89 80.48 -19.92 11.15
CA LYS B 89 81.14 -18.64 10.95
C LYS B 89 82.55 -18.67 11.56
N LEU B 90 83.56 -18.61 10.70
CA LEU B 90 84.95 -18.64 11.15
C LEU B 90 85.61 -17.29 10.96
N LYS B 91 86.34 -16.84 11.99
CA LYS B 91 87.02 -15.55 11.93
C LYS B 91 88.50 -15.72 12.29
N LYS B 92 89.37 -15.02 11.57
CA LYS B 92 90.79 -15.07 11.84
C LYS B 92 91.24 -13.78 12.53
N GLN B 93 91.40 -13.85 13.86
CA GLN B 93 91.78 -12.70 14.64
C GLN B 93 92.90 -13.04 15.62
N PRO B 94 93.96 -12.21 15.64
CA PRO B 94 95.13 -12.44 16.49
C PRO B 94 94.91 -12.09 17.97
N CYS B 95 93.67 -12.17 18.43
CA CYS B 95 93.36 -11.87 19.83
C CYS B 95 93.34 -13.14 20.69
N GLU B 96 92.26 -13.90 20.62
CA GLU B 96 92.11 -15.09 21.44
C GLU B 96 91.19 -16.13 20.80
N ALA B 97 91.33 -17.38 21.26
CA ALA B 97 90.48 -18.46 20.79
C ALA B 97 89.13 -18.45 21.50
N TRP B 98 88.09 -18.04 20.79
CA TRP B 98 86.76 -17.93 21.35
C TRP B 98 85.70 -18.61 20.51
N ALA B 99 84.77 -19.29 21.17
CA ALA B 99 83.69 -19.99 20.48
C ALA B 99 82.34 -19.62 21.07
N GLY B 100 81.37 -19.37 20.22
CA GLY B 100 80.03 -19.02 20.66
C GLY B 100 78.93 -19.74 19.90
N ARG B 101 77.98 -20.29 20.65
CA ARG B 101 76.85 -20.99 20.04
C ARG B 101 75.60 -20.13 20.09
N ILE B 102 75.01 -19.87 18.92
CA ILE B 102 73.79 -19.09 18.83
C ILE B 102 72.66 -19.96 18.28
N SER B 103 71.58 -20.09 19.04
CA SER B 103 70.48 -20.96 18.65
C SER B 103 69.20 -20.19 18.35
N TYR B 104 68.51 -20.63 17.30
CA TYR B 104 67.27 -20.04 16.80
C TYR B 104 66.20 -19.89 17.87
N ARG B 105 66.35 -20.63 18.97
CA ARG B 105 65.48 -20.49 20.13
C ARG B 105 65.79 -19.19 20.88
N ASN B 106 66.39 -18.24 20.17
CA ASN B 106 66.80 -16.95 20.73
C ASN B 106 67.74 -17.12 21.91
N THR B 107 68.69 -18.04 21.79
CA THR B 107 69.63 -18.28 22.88
C THR B 107 71.07 -18.15 22.45
N GLU B 108 71.96 -17.94 23.41
CA GLU B 108 73.38 -17.82 23.13
C GLU B 108 74.22 -18.33 24.31
N LEU B 109 75.19 -19.19 24.01
CA LEU B 109 76.06 -19.74 25.05
C LEU B 109 77.53 -19.70 24.64
N GLU B 110 78.36 -19.16 25.52
CA GLU B 110 79.80 -19.09 25.26
C GLU B 110 80.56 -20.12 26.08
N LEU B 111 80.99 -21.20 25.43
CA LEU B 111 81.66 -22.29 26.12
C LEU B 111 83.18 -22.21 26.03
N GLN B 112 83.67 -21.53 25.00
CA GLN B 112 85.10 -21.28 24.77
C GLN B 112 85.97 -22.56 24.78
N ASP B 113 85.32 -23.71 24.71
CA ASP B 113 86.04 -25.00 24.68
C ASP B 113 85.32 -25.96 23.75
N PRO B 114 86.06 -26.52 22.78
CA PRO B 114 85.55 -27.39 21.70
C PRO B 114 84.71 -28.58 22.17
N GLY B 115 85.11 -29.21 23.28
CA GLY B 115 84.39 -30.38 23.77
C GLY B 115 82.98 -30.06 24.19
N GLN B 116 82.82 -29.02 24.99
CA GLN B 116 81.50 -28.62 25.44
C GLN B 116 80.68 -28.14 24.26
N VAL B 117 81.37 -27.57 23.27
CA VAL B 117 80.72 -27.10 22.05
C VAL B 117 80.08 -28.27 21.32
N GLU B 118 80.88 -29.28 21.00
CA GLU B 118 80.38 -30.44 20.26
C GLU B 118 79.34 -31.20 21.07
N LYS B 119 79.45 -31.18 22.40
CA LYS B 119 78.47 -31.84 23.24
C LYS B 119 77.13 -31.10 23.22
N GLU B 120 77.17 -29.78 23.26
CA GLU B 120 75.95 -28.97 23.25
C GLU B 120 75.28 -28.90 21.87
N ILE B 121 76.08 -29.01 20.81
CA ILE B 121 75.55 -28.98 19.45
C ILE B 121 74.57 -30.12 19.16
N HIS B 122 74.95 -31.34 19.50
CA HIS B 122 74.07 -32.48 19.27
C HIS B 122 72.80 -32.35 20.12
N LYS B 123 72.95 -31.76 21.29
CA LYS B 123 71.80 -31.46 22.16
C LYS B 123 70.84 -30.53 21.44
N ALA B 124 71.38 -29.46 20.85
CA ALA B 124 70.59 -28.51 20.09
C ALA B 124 69.90 -29.20 18.91
N GLN B 125 70.61 -30.13 18.29
CA GLN B 125 70.06 -30.93 17.20
C GLN B 125 68.84 -31.72 17.68
N ASN B 126 68.97 -32.32 18.86
CA ASN B 126 67.87 -33.04 19.47
C ASN B 126 66.69 -32.13 19.77
N VAL B 127 66.99 -30.93 20.23
CA VAL B 127 65.96 -29.94 20.55
C VAL B 127 65.17 -29.52 19.31
N MET B 128 65.88 -29.24 18.22
CA MET B 128 65.24 -28.72 17.01
C MET B 128 64.55 -29.81 16.19
N ALA B 129 65.18 -30.97 16.08
CA ALA B 129 64.66 -32.06 15.27
C ALA B 129 63.56 -32.84 15.99
N GLY B 130 63.77 -33.09 17.27
CA GLY B 130 62.81 -33.85 18.07
C GLY B 130 63.39 -35.14 18.62
N ASN B 131 64.56 -35.04 19.24
CA ASN B 131 65.23 -36.15 19.93
C ASN B 131 65.70 -37.27 19.01
N GLY B 132 64.94 -37.56 17.95
CA GLY B 132 65.30 -38.61 17.02
C GLY B 132 65.90 -38.08 15.74
N ARG B 133 66.12 -38.96 14.77
CA ARG B 133 66.70 -38.55 13.50
C ARG B 133 65.64 -37.89 12.63
N GLY B 134 65.35 -36.62 12.95
CA GLY B 134 64.38 -35.85 12.21
C GLY B 134 65.05 -34.83 11.30
N ILE B 135 64.30 -33.79 10.94
CA ILE B 135 64.83 -32.73 10.10
C ILE B 135 64.13 -31.41 10.40
N SER B 136 64.90 -30.32 10.36
CA SER B 136 64.37 -28.99 10.63
C SER B 136 65.11 -27.92 9.84
N HIS B 137 64.41 -26.84 9.53
CA HIS B 137 65.00 -25.73 8.78
C HIS B 137 65.57 -24.67 9.71
N GLU B 138 65.48 -24.93 11.01
CA GLU B 138 65.96 -23.99 12.02
C GLU B 138 67.49 -24.01 12.07
N LEU B 139 68.07 -22.82 12.24
CA LEU B 139 69.52 -22.65 12.11
C LEU B 139 70.28 -22.69 13.42
N ILE B 140 71.46 -23.30 13.39
CA ILE B 140 72.41 -23.23 14.50
C ILE B 140 73.66 -22.47 14.07
N SER B 141 73.84 -21.26 14.59
CA SER B 141 74.97 -20.42 14.23
C SER B 141 76.18 -20.70 15.12
N LEU B 142 77.29 -21.09 14.50
CA LEU B 142 78.52 -21.37 15.25
C LEU B 142 79.58 -20.31 14.96
N GLU B 143 79.82 -19.43 15.92
CA GLU B 143 80.77 -18.33 15.75
C GLU B 143 82.12 -18.65 16.37
N ILE B 144 83.09 -19.02 15.53
CA ILE B 144 84.42 -19.39 16.01
C ILE B 144 85.50 -18.40 15.56
N THR B 145 86.12 -17.75 16.53
CA THR B 145 87.21 -16.81 16.27
C THR B 145 88.54 -17.31 16.79
N SER B 146 89.50 -17.49 15.89
CA SER B 146 90.82 -18.03 16.25
C SER B 146 91.87 -17.56 15.25
N PRO B 147 93.08 -17.24 15.76
CA PRO B 147 94.17 -16.75 14.91
C PRO B 147 94.83 -17.81 14.01
N GLU B 148 94.35 -19.05 14.06
CA GLU B 148 94.94 -20.10 13.25
C GLU B 148 93.91 -20.75 12.31
N VAL B 149 92.71 -20.21 12.28
CA VAL B 149 91.69 -20.67 11.34
C VAL B 149 91.31 -19.53 10.41
N PRO B 150 91.22 -19.83 9.10
CA PRO B 150 90.89 -18.82 8.09
C PRO B 150 89.51 -18.21 8.27
N ASP B 151 89.36 -16.96 7.83
CA ASP B 151 88.11 -16.23 7.93
C ASP B 151 87.14 -16.65 6.82
N LEU B 152 86.12 -17.41 7.18
CA LEU B 152 85.20 -17.95 6.18
C LEU B 152 83.87 -18.39 6.79
N THR B 153 82.78 -18.04 6.12
CA THR B 153 81.45 -18.42 6.56
C THR B 153 80.80 -19.41 5.58
N ILE B 154 80.56 -20.63 6.06
CA ILE B 154 79.94 -21.66 5.23
C ILE B 154 78.81 -22.35 6.00
N ILE B 155 77.92 -23.01 5.26
CA ILE B 155 76.76 -23.66 5.88
C ILE B 155 76.79 -25.17 5.66
N ASP B 156 76.79 -25.93 6.76
CA ASP B 156 76.81 -27.38 6.68
C ASP B 156 75.39 -27.94 6.59
N LEU B 157 75.11 -28.69 5.53
CA LEU B 157 73.81 -29.31 5.33
C LEU B 157 73.86 -30.81 5.57
N PRO B 158 72.74 -31.40 6.02
CA PRO B 158 72.63 -32.85 6.28
C PRO B 158 73.06 -33.70 5.08
N GLY B 159 73.58 -34.88 5.35
CA GLY B 159 74.08 -35.75 4.30
C GLY B 159 72.99 -36.36 3.43
N ILE B 160 73.32 -36.63 2.18
CA ILE B 160 72.38 -37.19 1.22
C ILE B 160 72.31 -38.71 1.35
N THR B 161 71.08 -39.22 1.43
CA THR B 161 70.82 -40.67 1.51
C THR B 161 71.56 -41.32 2.68
N PRO B 169 56.80 -42.80 2.35
CA PRO B 169 56.08 -41.87 3.22
C PRO B 169 56.70 -41.78 4.62
N ARG B 170 57.66 -40.89 4.80
CA ARG B 170 58.15 -40.00 3.75
C ARG B 170 59.26 -40.58 2.84
N ASP B 171 60.34 -41.17 3.37
CA ASP B 171 60.61 -41.35 4.80
C ASP B 171 61.49 -40.26 5.39
N ILE B 172 62.74 -40.17 4.93
CA ILE B 172 63.66 -39.18 5.48
C ILE B 172 64.42 -38.38 4.41
N GLY B 173 64.99 -39.09 3.44
CA GLY B 173 65.83 -38.46 2.43
C GLY B 173 65.20 -37.43 1.50
N LEU B 174 63.89 -37.53 1.30
CA LEU B 174 63.19 -36.59 0.42
C LEU B 174 63.26 -35.15 0.92
N GLN B 175 62.92 -34.96 2.19
CA GLN B 175 62.95 -33.63 2.78
C GLN B 175 64.39 -33.14 2.99
N ILE B 176 65.34 -34.06 3.06
CA ILE B 176 66.74 -33.69 3.14
C ILE B 176 67.21 -33.10 1.82
N LYS B 177 66.93 -33.82 0.74
CA LYS B 177 67.26 -33.35 -0.61
C LYS B 177 66.55 -32.05 -0.92
N ALA B 178 65.30 -31.94 -0.45
CA ALA B 178 64.53 -30.71 -0.60
C ALA B 178 65.19 -29.56 0.15
N LEU B 179 65.63 -29.83 1.38
CA LEU B 179 66.30 -28.84 2.21
C LEU B 179 67.58 -28.32 1.58
N ILE B 180 68.40 -29.24 1.06
CA ILE B 180 69.63 -28.86 0.40
C ILE B 180 69.34 -28.08 -0.88
N LYS B 181 68.33 -28.52 -1.62
CA LYS B 181 67.93 -27.87 -2.85
C LYS B 181 67.48 -26.43 -2.59
N LYS B 182 66.81 -26.23 -1.45
CA LYS B 182 66.36 -24.90 -1.03
C LYS B 182 67.53 -23.92 -0.98
N TYR B 183 68.72 -24.44 -0.69
CA TYR B 183 69.91 -23.60 -0.62
C TYR B 183 70.61 -23.51 -1.98
N ILE B 184 70.87 -24.65 -2.58
CA ILE B 184 71.69 -24.69 -3.80
C ILE B 184 71.00 -24.11 -5.04
N GLN B 185 69.67 -23.90 -4.96
CA GLN B 185 68.94 -23.31 -6.07
C GLN B 185 69.27 -21.84 -6.28
N ARG B 186 69.76 -21.18 -5.23
CA ARG B 186 70.07 -19.76 -5.31
C ARG B 186 71.36 -19.51 -6.08
N GLN B 187 71.34 -18.49 -6.94
CA GLN B 187 72.54 -18.09 -7.68
C GLN B 187 73.52 -17.40 -6.74
N GLN B 188 73.02 -16.95 -5.60
CA GLN B 188 73.85 -16.30 -4.59
C GLN B 188 74.50 -17.34 -3.68
N THR B 189 74.18 -18.61 -3.92
CA THR B 189 74.72 -19.69 -3.10
C THR B 189 75.79 -20.49 -3.85
N ILE B 190 76.99 -20.50 -3.29
CA ILE B 190 78.09 -21.28 -3.84
C ILE B 190 78.01 -22.72 -3.39
N ASN B 191 77.97 -23.64 -4.35
CA ASN B 191 77.91 -25.06 -4.05
C ASN B 191 79.28 -25.59 -3.63
N LEU B 192 79.31 -26.38 -2.57
CA LEU B 192 80.55 -27.01 -2.11
C LEU B 192 80.33 -28.50 -1.96
N VAL B 193 80.67 -29.25 -3.00
CA VAL B 193 80.42 -30.69 -3.02
C VAL B 193 81.59 -31.48 -2.45
N VAL B 194 81.29 -32.38 -1.51
CA VAL B 194 82.33 -33.20 -0.90
C VAL B 194 82.25 -34.64 -1.42
N VAL B 195 83.26 -35.06 -2.16
CA VAL B 195 83.27 -36.39 -2.76
C VAL B 195 84.50 -37.21 -2.36
N PRO B 196 84.27 -38.42 -1.84
CA PRO B 196 85.37 -39.35 -1.53
C PRO B 196 86.14 -39.76 -2.78
N CYS B 197 87.44 -40.02 -2.63
CA CYS B 197 88.28 -40.37 -3.76
C CYS B 197 88.07 -41.82 -4.21
N ASN B 198 87.54 -42.64 -3.31
CA ASN B 198 87.37 -44.07 -3.59
C ASN B 198 86.04 -44.40 -4.29
N VAL B 199 85.39 -43.37 -4.83
CA VAL B 199 84.11 -43.56 -5.51
C VAL B 199 84.06 -42.72 -6.78
N ASP B 200 83.39 -43.24 -7.82
CA ASP B 200 83.24 -42.52 -9.07
C ASP B 200 82.43 -41.24 -8.85
N ILE B 201 83.09 -40.10 -9.02
CA ILE B 201 82.49 -38.80 -8.76
C ILE B 201 81.33 -38.51 -9.72
N ALA B 202 81.34 -39.17 -10.89
CA ALA B 202 80.31 -38.95 -11.90
C ALA B 202 79.00 -39.63 -11.53
N THR B 203 79.02 -40.42 -10.46
CA THR B 203 77.82 -41.14 -10.02
C THR B 203 77.36 -40.66 -8.64
N THR B 204 77.95 -39.57 -8.16
CA THR B 204 77.58 -39.03 -6.86
C THR B 204 76.35 -38.14 -6.96
N GLU B 205 75.48 -38.21 -5.95
CA GLU B 205 74.24 -37.46 -5.95
C GLU B 205 74.44 -35.98 -5.67
N ALA B 206 75.45 -35.67 -4.85
CA ALA B 206 75.74 -34.29 -4.47
C ALA B 206 76.14 -33.45 -5.68
N LEU B 207 77.13 -33.94 -6.43
CA LEU B 207 77.59 -33.24 -7.62
C LEU B 207 76.51 -33.26 -8.70
N SER B 208 75.67 -34.29 -8.67
CA SER B 208 74.55 -34.39 -9.60
C SER B 208 73.56 -33.26 -9.37
N MET B 209 73.22 -33.01 -8.10
CA MET B 209 72.32 -31.93 -7.75
C MET B 209 72.97 -30.58 -8.01
N ALA B 210 74.27 -30.50 -7.73
CA ALA B 210 75.04 -29.28 -8.00
C ALA B 210 74.98 -28.93 -9.47
N HIS B 211 75.04 -29.96 -10.33
CA HIS B 211 74.93 -29.77 -11.77
C HIS B 211 73.49 -29.42 -12.15
N GLU B 212 72.54 -30.00 -11.43
CA GLU B 212 71.12 -29.74 -11.66
C GLU B 212 70.77 -28.27 -11.44
N VAL B 213 71.32 -27.69 -10.37
CA VAL B 213 71.06 -26.29 -10.04
C VAL B 213 72.07 -25.35 -10.67
N ASP B 214 73.18 -25.91 -11.15
CA ASP B 214 74.21 -25.11 -11.80
C ASP B 214 74.85 -25.86 -12.97
N PRO B 215 74.13 -25.91 -14.11
CA PRO B 215 74.62 -26.57 -15.32
C PRO B 215 75.87 -25.89 -15.89
N GLU B 216 75.98 -24.59 -15.68
CA GLU B 216 77.11 -23.84 -16.22
C GLU B 216 78.39 -24.07 -15.42
N GLY B 217 78.22 -24.38 -14.14
CA GLY B 217 79.35 -24.63 -13.26
C GLY B 217 80.11 -23.37 -12.93
N ASP B 218 79.41 -22.25 -12.87
CA ASP B 218 80.02 -20.95 -12.60
C ASP B 218 80.16 -20.69 -11.11
N ARG B 219 79.43 -21.47 -10.31
CA ARG B 219 79.42 -21.28 -8.86
C ARG B 219 79.48 -22.62 -8.13
N THR B 220 80.18 -23.60 -8.71
CA THR B 220 80.29 -24.92 -8.11
C THR B 220 81.74 -25.27 -7.81
N ILE B 221 82.00 -25.62 -6.55
CA ILE B 221 83.33 -26.00 -6.11
C ILE B 221 83.33 -27.45 -5.60
N GLY B 222 84.30 -28.22 -6.08
CA GLY B 222 84.40 -29.62 -5.71
C GLY B 222 85.61 -29.96 -4.86
N ILE B 223 85.36 -30.54 -3.70
CA ILE B 223 86.42 -30.99 -2.81
C ILE B 223 86.48 -32.51 -2.77
N LEU B 224 87.67 -33.06 -3.03
CA LEU B 224 87.88 -34.49 -3.01
C LEU B 224 88.56 -34.92 -1.71
N THR B 225 87.99 -35.92 -1.05
CA THR B 225 88.49 -36.35 0.26
C THR B 225 88.78 -37.85 0.30
N LYS B 226 89.40 -38.28 1.39
CA LYS B 226 89.83 -39.67 1.58
C LYS B 226 90.67 -40.20 0.43
N PRO B 227 91.86 -39.60 0.20
CA PRO B 227 92.73 -40.08 -0.87
C PRO B 227 93.49 -41.34 -0.49
N ASP B 228 93.59 -41.60 0.81
CA ASP B 228 94.28 -42.78 1.32
C ASP B 228 93.43 -44.04 1.23
N LEU B 229 92.11 -43.85 1.19
CA LEU B 229 91.17 -44.97 1.16
C LEU B 229 91.22 -45.72 -0.17
N MET B 230 91.73 -45.06 -1.21
CA MET B 230 91.90 -45.69 -2.51
C MET B 230 92.94 -46.80 -2.44
N ASP B 231 92.83 -47.77 -3.34
CA ASP B 231 93.68 -48.95 -3.27
C ASP B 231 94.26 -49.36 -4.62
N ARG B 232 94.44 -48.38 -5.51
CA ARG B 232 95.04 -48.64 -6.81
C ARG B 232 95.51 -47.33 -7.45
N GLY B 233 96.56 -47.43 -8.27
CA GLY B 233 97.08 -46.28 -8.98
C GLY B 233 96.10 -45.76 -10.03
N THR B 234 95.29 -46.68 -10.55
CA THR B 234 94.26 -46.33 -11.53
C THR B 234 93.32 -45.25 -11.02
N GLU B 235 92.78 -45.41 -9.82
CA GLU B 235 91.88 -44.41 -9.25
C GLU B 235 92.61 -43.08 -9.06
N LYS B 236 93.89 -43.15 -8.69
CA LYS B 236 94.71 -41.95 -8.52
C LYS B 236 94.80 -41.15 -9.82
N SER B 237 95.33 -41.81 -10.86
CA SER B 237 95.50 -41.15 -12.15
C SER B 237 94.18 -40.72 -12.79
N VAL B 238 93.16 -41.56 -12.67
CA VAL B 238 91.84 -41.24 -13.21
C VAL B 238 91.23 -40.02 -12.53
N MET B 239 91.30 -39.97 -11.20
CA MET B 239 90.79 -38.80 -10.49
C MET B 239 91.59 -37.55 -10.87
N ASN B 240 92.91 -37.70 -10.95
CA ASN B 240 93.79 -36.58 -11.30
C ASN B 240 93.55 -36.02 -12.71
N VAL B 241 93.25 -36.90 -13.66
CA VAL B 241 92.97 -36.44 -15.02
C VAL B 241 91.51 -36.02 -15.20
N VAL B 242 90.64 -36.47 -14.29
CA VAL B 242 89.24 -36.06 -14.33
C VAL B 242 89.08 -34.66 -13.76
N ARG B 243 89.71 -34.38 -12.62
CA ARG B 243 89.64 -33.04 -12.04
C ARG B 243 90.24 -32.01 -13.01
N ASN B 244 91.30 -32.41 -13.71
CA ASN B 244 91.93 -31.57 -14.72
C ASN B 244 91.37 -31.75 -16.13
N LEU B 245 90.66 -30.73 -16.61
CA LEU B 245 90.16 -30.68 -17.99
C LEU B 245 89.09 -31.71 -18.37
N THR B 246 88.27 -32.16 -17.43
CA THR B 246 87.14 -33.02 -17.80
C THR B 246 85.79 -32.38 -17.49
N TYR B 247 85.70 -31.62 -16.40
CA TYR B 247 84.44 -30.94 -16.07
C TYR B 247 84.48 -29.44 -16.36
N PRO B 248 83.38 -28.90 -16.88
CA PRO B 248 83.25 -27.47 -17.16
C PRO B 248 82.96 -26.67 -15.90
N LEU B 249 83.84 -26.77 -14.91
CA LEU B 249 83.68 -26.01 -13.67
C LEU B 249 84.63 -24.81 -13.63
N LYS B 250 84.06 -23.62 -13.57
CA LYS B 250 84.82 -22.38 -13.58
C LYS B 250 85.70 -22.24 -12.34
N LYS B 251 85.21 -22.73 -11.21
CA LYS B 251 85.95 -22.66 -9.96
C LYS B 251 86.95 -23.81 -9.82
N GLY B 252 86.67 -24.93 -10.46
CA GLY B 252 87.57 -26.07 -10.47
C GLY B 252 87.42 -26.99 -9.27
N TYR B 253 88.39 -27.88 -9.10
CA TYR B 253 88.38 -28.85 -8.01
C TYR B 253 89.63 -28.71 -7.13
N MET B 254 89.53 -29.16 -5.88
CA MET B 254 90.67 -29.20 -4.97
C MET B 254 90.60 -30.46 -4.11
N ILE B 255 91.77 -30.95 -3.65
CA ILE B 255 91.82 -32.18 -2.88
C ILE B 255 92.46 -31.99 -1.50
N VAL B 256 91.78 -32.50 -0.48
CA VAL B 256 92.27 -32.40 0.90
C VAL B 256 92.20 -33.76 1.61
N LYS B 257 92.89 -33.87 2.73
CA LYS B 257 92.84 -35.08 3.55
C LYS B 257 91.74 -34.98 4.61
N CYS B 258 91.04 -36.08 4.84
CA CYS B 258 89.91 -36.11 5.77
C CYS B 258 90.32 -35.83 7.22
N ARG B 259 91.51 -36.30 7.59
CA ARG B 259 92.09 -36.13 8.93
C ARG B 259 91.42 -37.06 9.95
N GLY B 260 90.43 -37.84 9.49
CA GLY B 260 89.80 -38.82 10.36
C GLY B 260 88.62 -38.30 11.15
N GLN B 261 87.62 -39.16 11.31
CA GLN B 261 86.42 -38.81 12.08
C GLN B 261 86.31 -39.66 13.34
N GLN B 262 87.13 -40.72 13.40
CA GLN B 262 87.09 -41.68 14.49
C GLN B 262 88.06 -41.38 15.63
N GLU B 263 89.16 -40.70 15.31
CA GLU B 263 90.19 -40.40 16.31
C GLU B 263 89.90 -39.14 17.12
N ILE B 264 88.96 -39.24 18.05
CA ILE B 264 88.55 -38.10 18.86
C ILE B 264 89.46 -37.87 20.07
N THR B 265 90.06 -38.94 20.59
CA THR B 265 90.78 -38.86 21.85
C THR B 265 92.28 -38.60 21.65
N ASN B 266 92.76 -38.80 20.43
CA ASN B 266 94.17 -38.58 20.11
C ASN B 266 94.58 -37.12 20.28
N ARG B 267 93.70 -36.21 19.87
CA ARG B 267 93.91 -34.78 20.01
C ARG B 267 95.23 -34.32 19.39
N LEU B 268 95.30 -34.36 18.07
CA LEU B 268 96.52 -33.94 17.36
C LEU B 268 96.51 -32.43 17.12
N SER B 269 97.66 -31.80 17.31
CA SER B 269 97.81 -30.36 17.11
C SER B 269 97.54 -30.00 15.65
N LEU B 270 96.94 -28.82 15.43
CA LEU B 270 96.55 -28.38 14.10
C LEU B 270 97.76 -28.21 13.18
N ALA B 271 98.85 -27.69 13.74
CA ALA B 271 100.07 -27.47 12.96
C ALA B 271 100.68 -28.80 12.54
N GLU B 272 100.71 -29.77 13.46
CA GLU B 272 101.28 -31.07 13.17
C GLU B 272 100.38 -31.88 12.25
N ALA B 273 99.08 -31.62 12.32
CA ALA B 273 98.12 -32.25 11.42
C ALA B 273 98.29 -31.71 10.01
N THR B 274 98.47 -30.39 9.90
CA THR B 274 98.72 -29.74 8.62
C THR B 274 100.01 -30.27 8.00
N LYS B 275 101.08 -30.27 8.79
CA LYS B 275 102.37 -30.77 8.34
C LYS B 275 102.29 -32.25 7.95
N LYS B 276 101.47 -33.00 8.67
CA LYS B 276 101.25 -34.40 8.36
C LYS B 276 100.56 -34.57 7.01
N GLU B 277 99.56 -33.74 6.76
CA GLU B 277 98.83 -33.77 5.49
C GLU B 277 99.75 -33.40 4.33
N ILE B 278 100.51 -32.32 4.50
CA ILE B 278 101.49 -31.89 3.49
C ILE B 278 102.49 -33.00 3.21
N THR B 279 102.96 -33.66 4.27
CA THR B 279 103.88 -34.77 4.14
C THR B 279 103.25 -35.92 3.35
N PHE B 280 101.99 -36.21 3.64
CA PHE B 280 101.24 -37.25 2.95
C PHE B 280 101.16 -36.97 1.45
N PHE B 281 100.71 -35.78 1.09
CA PHE B 281 100.54 -35.43 -0.31
C PHE B 281 101.87 -35.32 -1.03
N GLN B 282 102.92 -34.96 -0.31
CA GLN B 282 104.26 -34.86 -0.89
C GLN B 282 104.85 -36.24 -1.14
N THR B 283 104.53 -37.19 -0.25
CA THR B 283 105.03 -38.55 -0.38
C THR B 283 104.29 -39.30 -1.49
N HIS B 284 103.07 -38.86 -1.78
CA HIS B 284 102.25 -39.49 -2.81
C HIS B 284 102.89 -39.36 -4.18
N PRO B 285 103.00 -40.48 -4.91
CA PRO B 285 103.65 -40.56 -6.23
C PRO B 285 103.08 -39.58 -7.24
N TYR B 286 101.76 -39.40 -7.25
CA TYR B 286 101.10 -38.53 -8.21
C TYR B 286 100.77 -37.16 -7.64
N PHE B 287 100.34 -37.12 -6.38
CA PHE B 287 99.78 -35.91 -5.80
C PHE B 287 100.83 -34.82 -5.55
N ARG B 288 102.08 -35.22 -5.36
CA ARG B 288 103.15 -34.27 -5.09
C ARG B 288 103.29 -33.27 -6.24
N VAL B 289 103.78 -33.76 -7.37
CA VAL B 289 104.04 -32.91 -8.53
C VAL B 289 102.77 -32.28 -9.08
N LEU B 290 101.68 -33.04 -9.12
CA LEU B 290 100.46 -32.59 -9.78
C LEU B 290 99.57 -31.68 -8.94
N LEU B 291 99.65 -31.79 -7.62
CA LEU B 291 98.78 -30.98 -6.76
C LEU B 291 99.54 -29.89 -6.00
N GLU B 292 100.66 -30.25 -5.38
CA GLU B 292 101.39 -29.29 -4.55
C GLU B 292 101.98 -28.17 -5.40
N GLU B 293 102.23 -28.45 -6.67
CA GLU B 293 102.73 -27.44 -7.60
C GLU B 293 101.57 -26.60 -8.13
N GLY B 294 100.41 -27.23 -8.25
CA GLY B 294 99.21 -26.57 -8.76
C GLY B 294 98.16 -26.35 -7.69
N SER B 295 97.02 -27.00 -7.84
CA SER B 295 95.94 -26.92 -6.87
C SER B 295 96.38 -27.46 -5.50
N ALA B 296 96.60 -26.55 -4.56
CA ALA B 296 97.20 -26.88 -3.27
C ALA B 296 96.38 -27.89 -2.47
N THR B 297 97.02 -28.50 -1.48
CA THR B 297 96.37 -29.47 -0.61
C THR B 297 96.40 -29.02 0.85
N VAL B 298 97.41 -28.22 1.18
CA VAL B 298 97.51 -27.60 2.49
C VAL B 298 96.25 -26.77 2.76
N PRO B 299 95.75 -26.79 4.01
CA PRO B 299 94.52 -26.06 4.37
C PRO B 299 94.56 -24.54 4.14
N ARG B 300 95.17 -24.11 3.04
CA ARG B 300 95.07 -22.72 2.60
C ARG B 300 93.83 -22.57 1.73
N LEU B 301 93.17 -23.69 1.48
CA LEU B 301 91.93 -23.76 0.72
C LEU B 301 90.86 -22.82 1.27
N ALA B 302 90.75 -22.74 2.59
CA ALA B 302 89.74 -21.91 3.23
C ALA B 302 89.98 -20.42 3.01
N GLU B 303 91.24 -20.04 2.82
CA GLU B 303 91.58 -18.65 2.52
C GLU B 303 91.21 -18.30 1.08
N ARG B 304 91.45 -19.25 0.18
CA ARG B 304 91.04 -19.10 -1.21
C ARG B 304 89.52 -18.98 -1.26
N LEU B 305 88.84 -19.79 -0.47
CA LEU B 305 87.39 -19.75 -0.35
C LEU B 305 86.95 -18.42 0.26
N THR B 306 87.79 -17.86 1.11
CA THR B 306 87.55 -16.54 1.68
C THR B 306 87.51 -15.51 0.57
N THR B 307 88.57 -15.48 -0.25
CA THR B 307 88.66 -14.54 -1.36
C THR B 307 87.48 -14.70 -2.32
N GLU B 308 87.19 -15.95 -2.68
CA GLU B 308 86.07 -16.27 -3.56
C GLU B 308 84.76 -15.77 -2.97
N LEU B 309 84.62 -15.90 -1.65
CA LEU B 309 83.45 -15.41 -0.93
C LEU B 309 83.36 -13.90 -1.03
N ILE B 310 84.51 -13.23 -0.91
CA ILE B 310 84.58 -11.78 -1.03
C ILE B 310 84.04 -11.35 -2.39
N MET B 311 84.60 -11.92 -3.44
CA MET B 311 84.21 -11.58 -4.81
C MET B 311 82.74 -11.90 -5.06
N HIS B 312 82.28 -13.03 -4.53
CA HIS B 312 80.90 -13.46 -4.68
C HIS B 312 79.92 -12.47 -4.03
N ILE B 313 80.20 -12.11 -2.79
CA ILE B 313 79.37 -11.16 -2.05
C ILE B 313 79.36 -9.80 -2.73
N GLN B 314 80.55 -9.34 -3.14
CA GLN B 314 80.64 -8.07 -3.87
C GLN B 314 79.86 -8.11 -5.17
N LYS B 315 79.79 -9.30 -5.77
CA LYS B 315 79.05 -9.49 -7.02
C LYS B 315 77.53 -9.46 -6.80
N SER B 316 77.08 -10.08 -5.71
CA SER B 316 75.65 -10.26 -5.48
C SER B 316 75.04 -9.20 -4.56
N LEU B 317 75.87 -8.26 -4.11
CA LEU B 317 75.42 -7.22 -3.19
C LEU B 317 74.38 -6.25 -3.77
N PRO B 318 74.61 -5.70 -4.98
CA PRO B 318 73.62 -4.75 -5.51
C PRO B 318 72.24 -5.39 -5.69
N LEU B 319 72.20 -6.59 -6.26
CA LEU B 319 70.95 -7.31 -6.45
C LEU B 319 70.32 -7.66 -5.11
N LEU B 320 71.16 -7.86 -4.10
CA LEU B 320 70.68 -8.12 -2.75
C LEU B 320 69.95 -6.90 -2.20
N GLU B 321 70.58 -5.73 -2.35
CA GLU B 321 69.96 -4.46 -1.97
C GLU B 321 68.64 -4.27 -2.70
N GLY B 322 68.66 -4.54 -4.00
CA GLY B 322 67.47 -4.49 -4.82
C GLY B 322 66.35 -5.35 -4.28
N GLN B 323 66.69 -6.58 -3.91
CA GLN B 323 65.71 -7.52 -3.36
C GLN B 323 65.19 -7.05 -2.00
N ILE B 324 66.05 -6.39 -1.23
CA ILE B 324 65.64 -5.80 0.03
C ILE B 324 64.59 -4.73 -0.21
N ARG B 325 64.87 -3.85 -1.16
CA ARG B 325 63.96 -2.78 -1.54
C ARG B 325 62.62 -3.32 -2.03
N GLU B 326 62.69 -4.30 -2.91
CA GLU B 326 61.49 -4.92 -3.48
C GLU B 326 60.64 -5.61 -2.43
N SER B 327 61.28 -6.39 -1.57
CA SER B 327 60.56 -7.10 -0.51
C SER B 327 59.95 -6.14 0.49
N HIS B 328 60.68 -5.08 0.83
CA HIS B 328 60.17 -4.05 1.73
C HIS B 328 58.96 -3.34 1.14
N GLN B 329 59.06 -2.98 -0.14
CA GLN B 329 57.98 -2.30 -0.84
C GLN B 329 56.74 -3.19 -0.93
N LYS B 330 56.95 -4.45 -1.27
CA LYS B 330 55.84 -5.39 -1.43
C LYS B 330 55.17 -5.71 -0.10
N ALA B 331 55.97 -5.84 0.95
CA ALA B 331 55.42 -6.08 2.29
C ALA B 331 54.63 -4.86 2.77
N THR B 332 55.19 -3.67 2.54
CA THR B 332 54.53 -2.43 2.91
C THR B 332 53.20 -2.26 2.19
N GLU B 333 53.21 -2.54 0.89
CA GLU B 333 52.00 -2.43 0.07
C GLU B 333 50.96 -3.45 0.49
N GLU B 334 51.38 -4.71 0.63
CA GLU B 334 50.50 -5.79 1.04
C GLU B 334 49.87 -5.49 2.40
N LEU B 335 50.63 -4.84 3.27
CA LEU B 335 50.10 -4.42 4.56
C LEU B 335 49.14 -3.24 4.39
N ARG B 336 49.42 -2.36 3.43
CA ARG B 336 48.58 -1.20 3.14
C ARG B 336 47.26 -1.57 2.46
N ARG B 337 47.23 -2.72 1.80
CA ARG B 337 46.02 -3.21 1.14
C ARG B 337 44.92 -3.50 2.16
N CYS B 338 45.33 -3.62 3.42
CA CYS B 338 44.39 -3.84 4.49
C CYS B 338 44.64 -2.89 5.68
N GLY B 339 43.60 -2.16 6.05
CA GLY B 339 43.67 -1.17 7.12
C GLY B 339 43.02 -1.71 8.38
N ALA B 340 43.78 -1.72 9.45
CA ALA B 340 43.37 -2.40 10.68
C ALA B 340 44.24 -1.96 11.86
N ASP B 341 43.81 -2.20 13.10
CA ASP B 341 42.62 -2.99 13.43
C ASP B 341 41.26 -2.29 13.24
N ILE B 342 41.10 -1.00 13.59
CA ILE B 342 42.04 -0.20 14.37
C ILE B 342 41.36 0.39 15.64
N PRO B 343 40.83 -0.48 16.52
CA PRO B 343 40.37 0.16 17.75
C PRO B 343 41.39 0.10 18.88
N SER B 344 41.85 1.26 19.32
CA SER B 344 42.64 1.29 20.54
C SER B 344 41.66 1.23 21.70
N GLN B 345 40.58 2.00 21.59
CA GLN B 345 39.53 2.04 22.61
C GLN B 345 38.13 2.24 21.98
N GLU B 346 37.16 2.69 22.78
CA GLU B 346 35.81 2.93 22.27
C GLU B 346 35.78 4.14 21.34
N ALA B 347 36.60 5.14 21.65
CA ALA B 347 36.74 6.28 20.76
C ALA B 347 37.54 5.79 19.57
N ASP B 348 37.40 6.49 18.44
CA ASP B 348 38.13 6.19 17.21
C ASP B 348 37.73 4.85 16.57
N LYS B 349 37.01 4.01 17.30
CA LYS B 349 36.54 2.74 16.73
C LYS B 349 35.18 2.90 16.08
N MET B 350 34.25 3.50 16.82
CA MET B 350 32.90 3.74 16.33
C MET B 350 32.90 4.70 15.14
N PHE B 351 33.81 5.67 15.17
CA PHE B 351 33.96 6.62 14.08
C PHE B 351 34.39 5.89 12.80
N PHE B 352 35.29 4.91 12.97
CA PHE B 352 35.72 4.07 11.85
C PHE B 352 34.53 3.35 11.24
N LEU B 353 33.68 2.78 12.09
CA LEU B 353 32.47 2.11 11.65
C LEU B 353 31.57 3.07 10.88
N ILE B 354 31.44 4.28 11.40
CA ILE B 354 30.67 5.33 10.72
C ILE B 354 31.22 5.58 9.31
N GLU B 355 32.54 5.65 9.21
CA GLU B 355 33.20 5.84 7.93
C GLU B 355 32.89 4.69 6.96
N LYS B 356 33.01 3.46 7.46
CA LYS B 356 32.75 2.27 6.66
C LYS B 356 31.32 2.26 6.12
N ILE B 357 30.37 2.51 7.01
CA ILE B 357 28.96 2.56 6.64
C ILE B 357 28.71 3.67 5.62
N LYS B 358 29.37 4.81 5.83
CA LYS B 358 29.30 5.93 4.89
C LYS B 358 29.73 5.52 3.48
N MET B 359 30.92 4.93 3.39
CA MET B 359 31.44 4.48 2.11
C MET B 359 30.53 3.46 1.45
N PHE B 360 30.04 2.51 2.24
CA PHE B 360 29.09 1.50 1.76
C PHE B 360 27.86 2.16 1.14
N ASN B 361 27.24 3.06 1.88
CA ASN B 361 26.08 3.78 1.41
C ASN B 361 26.37 4.58 0.14
N GLN B 362 27.59 5.12 0.07
CA GLN B 362 28.04 5.83 -1.13
C GLN B 362 28.05 4.93 -2.35
N ASP B 363 28.65 3.75 -2.20
CA ASP B 363 28.71 2.78 -3.31
C ASP B 363 27.32 2.29 -3.71
N ILE B 364 26.46 2.07 -2.71
CA ILE B 364 25.08 1.68 -2.98
C ILE B 364 24.39 2.76 -3.81
N GLU B 365 24.57 4.01 -3.40
CA GLU B 365 24.03 5.16 -4.12
C GLU B 365 24.57 5.20 -5.55
N LYS B 366 25.84 4.83 -5.72
CA LYS B 366 26.44 4.74 -7.04
C LYS B 366 25.72 3.70 -7.89
N LEU B 367 25.41 2.56 -7.28
CA LEU B 367 24.65 1.52 -7.97
C LEU B 367 23.27 2.01 -8.38
N VAL B 368 22.60 2.71 -7.47
CA VAL B 368 21.25 3.21 -7.72
C VAL B 368 21.22 4.25 -8.85
N GLU B 369 22.16 5.18 -8.80
CA GLU B 369 22.20 6.26 -9.79
C GLU B 369 22.73 5.78 -11.14
N GLY B 370 23.40 4.64 -11.13
CA GLY B 370 24.00 4.10 -12.33
C GLY B 370 25.32 4.76 -12.65
N GLU B 371 25.92 5.37 -11.63
CA GLU B 371 27.22 6.03 -11.78
C GLU B 371 28.31 5.21 -11.12
N GLU B 372 28.40 3.94 -11.50
CA GLU B 372 29.37 3.03 -10.92
C GLU B 372 30.57 2.82 -11.84
N VAL B 373 31.68 2.40 -11.26
CA VAL B 373 32.89 2.12 -12.02
C VAL B 373 32.97 0.65 -12.39
N VAL B 374 33.03 0.37 -13.69
CA VAL B 374 33.07 -1.01 -14.16
C VAL B 374 34.36 -1.29 -14.93
N ARG B 375 34.72 -2.57 -15.03
CA ARG B 375 35.92 -2.98 -15.73
C ARG B 375 35.70 -3.01 -17.25
N GLU B 376 36.75 -3.34 -17.98
CA GLU B 376 36.66 -3.43 -19.45
C GLU B 376 35.68 -4.51 -19.87
N ASN B 377 34.84 -4.19 -20.85
CA ASN B 377 33.84 -5.10 -21.38
C ASN B 377 32.83 -5.55 -20.33
N GLU B 378 32.73 -4.79 -19.24
CA GLU B 378 31.75 -5.06 -18.20
C GLU B 378 30.66 -3.99 -18.22
N THR B 379 29.41 -4.43 -18.09
CA THR B 379 28.28 -3.51 -18.16
C THR B 379 27.75 -3.18 -16.77
N ARG B 380 27.02 -2.06 -16.68
CA ARG B 380 26.45 -1.63 -15.42
C ARG B 380 25.10 -2.30 -15.16
N LEU B 381 24.74 -2.41 -13.89
CA LEU B 381 23.46 -2.99 -13.49
C LEU B 381 22.29 -2.29 -14.19
N TYR B 382 22.29 -0.96 -14.12
CA TYR B 382 21.25 -0.13 -14.71
C TYR B 382 21.09 -0.40 -16.21
N ASN B 383 22.22 -0.62 -16.89
CA ASN B 383 22.21 -0.91 -18.32
C ASN B 383 21.56 -2.26 -18.61
N LYS B 384 21.88 -3.26 -17.79
CA LYS B 384 21.28 -4.58 -17.91
C LYS B 384 19.76 -4.48 -17.73
N ILE B 385 19.35 -3.76 -16.69
CA ILE B 385 17.94 -3.53 -16.43
C ILE B 385 17.26 -2.85 -17.60
N ARG B 386 17.96 -1.89 -18.22
CA ARG B 386 17.45 -1.21 -19.40
C ARG B 386 17.29 -2.18 -20.58
N GLU B 387 18.22 -3.12 -20.70
CA GLU B 387 18.13 -4.16 -21.72
C GLU B 387 16.88 -5.00 -21.52
N ASP B 388 16.66 -5.42 -20.28
CA ASP B 388 15.46 -6.17 -19.92
C ASP B 388 14.20 -5.38 -20.27
N PHE B 389 14.26 -4.07 -20.03
CA PHE B 389 13.16 -3.18 -20.39
C PHE B 389 12.93 -3.16 -21.90
N LYS B 390 14.03 -3.17 -22.66
CA LYS B 390 13.94 -3.24 -24.12
C LYS B 390 13.25 -4.53 -24.56
N ASN B 391 13.60 -5.63 -23.90
CA ASN B 391 12.94 -6.91 -24.15
C ASN B 391 11.44 -6.80 -23.88
N TRP B 392 11.09 -6.19 -22.77
CA TRP B 392 9.69 -5.94 -22.40
C TRP B 392 8.96 -5.17 -23.49
N VAL B 393 9.59 -4.09 -23.98
CA VAL B 393 9.03 -3.29 -25.05
C VAL B 393 8.80 -4.13 -26.31
N GLY B 394 9.78 -4.97 -26.64
CA GLY B 394 9.66 -5.88 -27.77
C GLY B 394 8.46 -6.79 -27.64
N ILE B 395 8.30 -7.39 -26.46
CA ILE B 395 7.16 -8.25 -26.17
C ILE B 395 5.84 -7.49 -26.37
N LEU B 396 5.78 -6.28 -25.82
CA LEU B 396 4.59 -5.45 -25.95
C LEU B 396 4.27 -5.14 -27.41
N ALA B 397 5.30 -4.91 -28.22
CA ALA B 397 5.13 -4.67 -29.65
C ALA B 397 4.54 -5.92 -30.31
N THR B 398 5.11 -7.07 -29.97
CA THR B 398 4.64 -8.35 -30.49
C THR B 398 3.15 -8.56 -30.20
N ASN B 399 2.76 -8.41 -28.94
CA ASN B 399 1.37 -8.59 -28.55
C ASN B 399 0.46 -7.51 -29.16
N THR B 400 1.02 -6.34 -29.40
CA THR B 400 0.29 -5.25 -30.04
C THR B 400 -0.07 -5.63 -31.46
N GLN B 401 0.91 -6.12 -32.21
CA GLN B 401 0.68 -6.59 -33.58
C GLN B 401 -0.30 -7.76 -33.58
N LYS B 402 -0.13 -8.64 -32.60
CA LYS B 402 -0.99 -9.80 -32.42
C LYS B 402 -2.47 -9.40 -32.32
N VAL B 403 -2.79 -8.62 -31.30
CA VAL B 403 -4.16 -8.19 -31.06
C VAL B 403 -4.65 -7.28 -32.18
N LYS B 404 -3.73 -6.61 -32.86
CA LYS B 404 -4.08 -5.79 -34.02
C LYS B 404 -4.64 -6.66 -35.14
N ASN B 405 -3.89 -7.69 -35.51
CA ASN B 405 -4.35 -8.64 -36.52
C ASN B 405 -5.65 -9.33 -36.11
N ILE B 406 -5.70 -9.76 -34.85
CA ILE B 406 -6.88 -10.44 -34.33
C ILE B 406 -8.13 -9.59 -34.44
N ILE B 407 -8.09 -8.37 -33.91
CA ILE B 407 -9.25 -7.49 -33.95
C ILE B 407 -9.57 -7.04 -35.37
N HIS B 408 -8.54 -6.97 -36.22
CA HIS B 408 -8.73 -6.65 -37.63
C HIS B 408 -9.59 -7.71 -38.30
N GLU B 409 -9.21 -8.96 -38.13
CA GLU B 409 -9.96 -10.07 -38.72
C GLU B 409 -11.34 -10.19 -38.10
N GLU B 410 -11.43 -9.96 -36.80
CA GLU B 410 -12.72 -10.00 -36.09
C GLU B 410 -13.70 -8.99 -36.64
N VAL B 411 -13.28 -7.72 -36.70
CA VAL B 411 -14.14 -6.66 -37.20
C VAL B 411 -14.47 -6.85 -38.68
N GLU B 412 -13.45 -7.12 -39.49
CA GLU B 412 -13.66 -7.31 -40.93
C GLU B 412 -14.61 -8.46 -41.25
N LYS B 413 -14.45 -9.58 -40.56
CA LYS B 413 -15.26 -10.77 -40.83
C LYS B 413 -16.64 -10.75 -40.18
N TYR B 414 -16.68 -10.66 -38.86
CA TYR B 414 -17.90 -10.90 -38.11
C TYR B 414 -18.92 -9.76 -38.16
N GLU B 415 -18.57 -8.67 -38.83
CA GLU B 415 -19.54 -7.60 -39.10
C GLU B 415 -20.30 -7.92 -40.37
N LYS B 416 -19.74 -8.81 -41.18
CA LYS B 416 -20.37 -9.24 -42.42
C LYS B 416 -20.98 -10.63 -42.29
N GLN B 417 -20.67 -11.31 -41.20
CA GLN B 417 -21.16 -12.66 -40.96
C GLN B 417 -22.63 -12.73 -40.55
N ALA B 418 -23.48 -11.95 -41.23
CA ALA B 418 -24.90 -11.97 -40.96
C ALA B 418 -25.56 -13.02 -41.85
N ALA B 419 -26.76 -13.45 -41.48
CA ALA B 419 -27.47 -14.47 -42.26
C ALA B 419 -27.83 -13.92 -43.64
N ALA B 420 -28.06 -12.61 -43.69
CA ALA B 420 -28.36 -11.91 -44.93
C ALA B 420 -28.22 -10.42 -44.67
N ALA B 421 -29.29 -9.81 -44.19
CA ALA B 421 -29.26 -8.44 -43.73
C ALA B 421 -29.50 -8.43 -42.22
N GLU B 422 -28.58 -7.83 -41.47
CA GLU B 422 -28.68 -7.83 -40.02
C GLU B 422 -29.80 -6.93 -39.54
N LEU B 423 -30.92 -7.55 -39.20
CA LEU B 423 -32.10 -6.81 -38.75
C LEU B 423 -32.54 -7.30 -37.38
N LEU B 424 -31.60 -7.91 -36.65
CA LEU B 424 -31.86 -8.34 -35.28
C LEU B 424 -30.91 -7.69 -34.27
N GLY B 425 -29.69 -7.40 -34.72
CA GLY B 425 -28.72 -6.76 -33.87
C GLY B 425 -28.33 -5.36 -34.33
N PHE B 426 -27.43 -4.63 -33.64
CA PHE B 426 -26.71 -5.01 -32.40
C PHE B 426 -25.87 -6.28 -32.50
N VAL B 427 -24.68 -6.14 -33.08
CA VAL B 427 -23.77 -7.28 -33.27
C VAL B 427 -23.17 -7.74 -31.93
N ASN B 428 -21.94 -7.33 -31.67
CA ASN B 428 -21.26 -7.64 -30.42
C ASN B 428 -20.48 -6.44 -29.90
N TYR B 429 -20.40 -6.30 -28.59
CA TYR B 429 -19.64 -5.21 -27.99
C TYR B 429 -18.88 -5.65 -26.74
N LYS B 430 -19.50 -6.49 -25.93
CA LYS B 430 -18.85 -7.04 -24.75
C LYS B 430 -17.70 -7.98 -25.16
N THR B 431 -17.86 -8.61 -26.31
CA THR B 431 -16.87 -9.56 -26.82
C THR B 431 -15.53 -8.87 -27.02
N PHE B 432 -15.55 -7.69 -27.64
CA PHE B 432 -14.34 -6.94 -27.87
C PHE B 432 -13.72 -6.52 -26.54
N GLU B 433 -14.59 -6.25 -25.56
CA GLU B 433 -14.14 -5.88 -24.23
C GLU B 433 -13.39 -7.02 -23.55
N ILE B 434 -13.86 -8.25 -23.74
CA ILE B 434 -13.19 -9.39 -23.14
C ILE B 434 -11.93 -9.75 -23.94
N ILE B 435 -11.92 -9.39 -25.22
CA ILE B 435 -10.72 -9.55 -26.03
C ILE B 435 -9.62 -8.64 -25.51
N VAL B 436 -9.95 -7.36 -25.33
CA VAL B 436 -9.03 -6.40 -24.74
C VAL B 436 -8.58 -6.85 -23.35
N HIS B 437 -9.54 -7.33 -22.56
CA HIS B 437 -9.27 -7.81 -21.20
C HIS B 437 -8.24 -8.94 -21.19
N GLN B 438 -8.43 -9.91 -22.08
CA GLN B 438 -7.47 -11.00 -22.24
C GLN B 438 -6.11 -10.47 -22.67
N TYR B 439 -6.11 -9.58 -23.66
CA TYR B 439 -4.90 -8.96 -24.16
C TYR B 439 -4.08 -8.32 -23.05
N ILE B 440 -4.77 -7.67 -22.11
CA ILE B 440 -4.11 -7.04 -20.97
C ILE B 440 -3.63 -8.11 -19.98
N GLN B 441 -4.48 -9.10 -19.73
CA GLN B 441 -4.19 -10.15 -18.76
C GLN B 441 -2.95 -10.97 -19.12
N GLN B 442 -2.74 -11.19 -20.41
CA GLN B 442 -1.59 -11.96 -20.91
C GLN B 442 -0.24 -11.33 -20.55
N LEU B 443 -0.24 -10.04 -20.22
CA LEU B 443 0.99 -9.30 -19.97
C LEU B 443 1.46 -9.37 -18.52
N VAL B 444 0.62 -9.91 -17.65
CA VAL B 444 0.91 -9.94 -16.21
C VAL B 444 2.17 -10.72 -15.86
N GLU B 445 2.25 -11.97 -16.33
CA GLU B 445 3.36 -12.86 -15.98
C GLU B 445 4.74 -12.44 -16.53
N PRO B 446 4.81 -11.97 -17.80
CA PRO B 446 6.12 -11.49 -18.26
C PRO B 446 6.69 -10.35 -17.42
N ALA B 447 5.82 -9.40 -17.05
CA ALA B 447 6.23 -8.28 -16.21
C ALA B 447 6.77 -8.76 -14.87
N LEU B 448 6.04 -9.67 -14.24
CA LEU B 448 6.47 -10.25 -12.97
C LEU B 448 7.81 -10.97 -13.10
N SER B 449 8.00 -11.65 -14.23
CA SER B 449 9.25 -12.34 -14.50
C SER B 449 10.41 -11.36 -14.60
N MET B 450 10.18 -10.27 -15.34
CA MET B 450 11.17 -9.20 -15.46
C MET B 450 11.53 -8.63 -14.09
N LEU B 451 10.51 -8.37 -13.28
CA LEU B 451 10.69 -7.92 -11.91
C LEU B 451 11.56 -8.88 -11.12
N GLN B 452 11.28 -10.17 -11.26
CA GLN B 452 12.06 -11.22 -10.61
C GLN B 452 13.53 -11.16 -11.00
N LYS B 453 13.80 -11.12 -12.31
CA LYS B 453 15.16 -11.04 -12.83
C LYS B 453 15.90 -9.82 -12.28
N ALA B 454 15.24 -8.67 -12.37
CA ALA B 454 15.81 -7.41 -11.88
C ALA B 454 16.15 -7.49 -10.39
N MET B 455 15.20 -7.97 -9.59
CA MET B 455 15.40 -8.08 -8.15
C MET B 455 16.57 -9.03 -7.87
N GLU B 456 16.70 -10.07 -8.68
CA GLU B 456 17.80 -11.03 -8.52
C GLU B 456 19.16 -10.37 -8.77
N ILE B 457 19.33 -9.76 -9.94
CA ILE B 457 20.63 -9.17 -10.28
C ILE B 457 20.99 -8.01 -9.36
N ILE B 458 20.00 -7.21 -8.99
CA ILE B 458 20.22 -6.10 -8.05
C ILE B 458 20.64 -6.64 -6.68
N GLN B 459 19.93 -7.65 -6.20
CA GLN B 459 20.31 -8.34 -4.98
C GLN B 459 21.76 -8.80 -5.02
N GLN B 460 22.12 -9.46 -6.11
CA GLN B 460 23.48 -9.95 -6.32
C GLN B 460 24.50 -8.81 -6.21
N ALA B 461 24.24 -7.70 -6.90
CA ALA B 461 25.12 -6.55 -6.87
C ALA B 461 25.30 -6.00 -5.45
N PHE B 462 24.18 -5.81 -4.76
CA PHE B 462 24.20 -5.29 -3.40
C PHE B 462 25.01 -6.20 -2.48
N ILE B 463 24.79 -7.50 -2.59
CA ILE B 463 25.54 -8.49 -1.82
C ILE B 463 27.03 -8.40 -2.13
N ASN B 464 27.36 -8.19 -3.40
CA ASN B 464 28.75 -8.03 -3.83
C ASN B 464 29.41 -6.84 -3.16
N VAL B 465 28.73 -5.70 -3.16
CA VAL B 465 29.25 -4.50 -2.51
C VAL B 465 29.41 -4.74 -1.00
N ALA B 466 28.42 -5.38 -0.40
CA ALA B 466 28.47 -5.73 1.02
C ALA B 466 29.67 -6.61 1.33
N LYS B 467 30.01 -7.48 0.39
CA LYS B 467 31.16 -8.36 0.54
C LYS B 467 32.46 -7.58 0.41
N LYS B 468 32.47 -6.61 -0.50
CA LYS B 468 33.66 -5.78 -0.70
C LYS B 468 33.97 -4.94 0.53
N HIS B 469 32.96 -4.25 1.05
CA HIS B 469 33.16 -3.34 2.18
C HIS B 469 33.28 -4.08 3.51
N PHE B 470 32.66 -5.25 3.61
CA PHE B 470 32.64 -5.99 4.87
C PHE B 470 33.18 -7.40 4.72
N GLY B 471 34.29 -7.55 4.00
CA GLY B 471 34.92 -8.83 3.81
C GLY B 471 35.57 -9.37 5.07
N GLU B 472 36.43 -8.54 5.68
CA GLU B 472 37.17 -8.93 6.87
C GLU B 472 36.25 -9.08 8.08
N PHE B 473 35.15 -8.34 8.08
CA PHE B 473 34.22 -8.34 9.21
C PHE B 473 33.05 -9.29 8.94
N PHE B 474 33.06 -10.44 9.60
CA PHE B 474 32.08 -11.49 9.37
C PHE B 474 30.68 -11.14 9.86
N ASN B 475 30.58 -10.80 11.15
CA ASN B 475 29.29 -10.52 11.77
C ASN B 475 28.56 -9.35 11.11
N LEU B 476 29.28 -8.26 10.91
CA LEU B 476 28.74 -7.08 10.26
C LEU B 476 28.23 -7.42 8.86
N ASN B 477 29.00 -8.22 8.14
CA ASN B 477 28.60 -8.69 6.81
C ASN B 477 27.31 -9.50 6.87
N GLN B 478 27.20 -10.38 7.85
CA GLN B 478 26.01 -11.19 8.04
C GLN B 478 24.78 -10.31 8.29
N THR B 479 24.93 -9.35 9.19
CA THR B 479 23.85 -8.40 9.49
C THR B 479 23.41 -7.64 8.25
N VAL B 480 24.39 -7.08 7.54
CA VAL B 480 24.12 -6.32 6.33
C VAL B 480 23.39 -7.15 5.28
N GLN B 481 23.87 -8.37 5.04
CA GLN B 481 23.27 -9.24 4.03
C GLN B 481 21.85 -9.66 4.43
N SER B 482 21.64 -9.93 5.71
CA SER B 482 20.30 -10.24 6.21
C SER B 482 19.35 -9.09 5.97
N THR B 483 19.80 -7.89 6.32
CA THR B 483 19.04 -6.66 6.08
C THR B 483 18.67 -6.51 4.61
N ILE B 484 19.68 -6.67 3.75
CA ILE B 484 19.48 -6.63 2.30
C ILE B 484 18.41 -7.60 1.86
N GLU B 485 18.45 -8.81 2.40
CA GLU B 485 17.46 -9.84 2.08
C GLU B 485 16.05 -9.40 2.46
N ASP B 486 15.88 -8.98 3.71
CA ASP B 486 14.57 -8.53 4.20
C ASP B 486 13.99 -7.40 3.37
N ILE B 487 14.78 -6.34 3.19
CA ILE B 487 14.35 -5.17 2.43
C ILE B 487 14.02 -5.55 1.00
N LYS B 488 14.85 -6.41 0.41
CA LYS B 488 14.61 -6.96 -0.93
C LYS B 488 13.25 -7.61 -1.03
N VAL B 489 12.94 -8.49 -0.08
CA VAL B 489 11.66 -9.18 -0.05
C VAL B 489 10.49 -8.19 0.05
N LYS B 490 10.58 -7.28 1.00
CA LYS B 490 9.52 -6.30 1.22
C LYS B 490 9.24 -5.46 -0.03
N HIS B 491 10.29 -4.86 -0.59
CA HIS B 491 10.13 -4.02 -1.77
C HIS B 491 9.71 -4.84 -3.00
N THR B 492 10.05 -6.12 -3.00
CA THR B 492 9.61 -7.01 -4.07
C THR B 492 8.10 -7.18 -4.00
N ALA B 493 7.61 -7.42 -2.78
CA ALA B 493 6.18 -7.52 -2.54
C ALA B 493 5.47 -6.23 -2.98
N LYS B 494 6.04 -5.10 -2.57
CA LYS B 494 5.50 -3.79 -2.98
C LYS B 494 5.41 -3.67 -4.50
N ALA B 495 6.51 -4.01 -5.17
CA ALA B 495 6.60 -3.88 -6.63
C ALA B 495 5.58 -4.76 -7.36
N GLU B 496 5.51 -6.03 -6.97
CA GLU B 496 4.56 -6.93 -7.62
C GLU B 496 3.13 -6.50 -7.36
N ASN B 497 2.86 -6.02 -6.14
CA ASN B 497 1.54 -5.50 -5.79
C ASN B 497 1.17 -4.30 -6.66
N MET B 498 2.15 -3.43 -6.91
CA MET B 498 1.92 -2.26 -7.74
C MET B 498 1.71 -2.63 -9.21
N ILE B 499 2.41 -3.66 -9.67
CA ILE B 499 2.23 -4.14 -11.03
C ILE B 499 0.83 -4.72 -11.23
N GLN B 500 0.46 -5.62 -10.33
CA GLN B 500 -0.88 -6.22 -10.36
C GLN B 500 -1.96 -5.15 -10.25
N LEU B 501 -1.70 -4.15 -9.42
CA LEU B 501 -2.62 -3.01 -9.28
C LEU B 501 -2.76 -2.27 -10.60
N GLN B 502 -1.64 -2.03 -11.27
CA GLN B 502 -1.62 -1.36 -12.56
C GLN B 502 -2.45 -2.11 -13.59
N PHE B 503 -2.25 -3.42 -13.67
CA PHE B 503 -3.01 -4.24 -14.61
C PHE B 503 -4.49 -4.27 -14.26
N ARG B 504 -4.81 -4.26 -12.97
CA ARG B 504 -6.19 -4.20 -12.51
C ARG B 504 -6.84 -2.89 -12.96
N MET B 505 -6.07 -1.81 -12.93
CA MET B 505 -6.55 -0.51 -13.40
C MET B 505 -6.77 -0.55 -14.90
N GLU B 506 -5.85 -1.20 -15.62
CA GLU B 506 -5.96 -1.34 -17.06
C GLU B 506 -7.19 -2.15 -17.46
N GLN B 507 -7.56 -3.11 -16.63
CA GLN B 507 -8.69 -3.99 -16.93
C GLN B 507 -10.03 -3.39 -16.54
N MET B 508 -10.16 -2.96 -15.28
CA MET B 508 -11.44 -2.49 -14.77
C MET B 508 -11.86 -1.14 -15.38
N VAL B 509 -10.91 -0.45 -16.00
CA VAL B 509 -11.21 0.85 -16.60
C VAL B 509 -11.00 0.83 -18.12
N PHE B 510 -11.95 1.41 -18.84
CA PHE B 510 -11.84 1.49 -20.30
C PHE B 510 -12.02 2.93 -20.79
N SER B 553 -15.68 3.57 -44.54
CA SER B 553 -15.33 3.52 -43.12
C SER B 553 -16.04 2.38 -42.41
N PHE B 554 -15.83 1.16 -42.89
CA PHE B 554 -16.45 -0.03 -42.32
C PHE B 554 -15.73 -0.45 -41.04
N THR B 555 -14.42 -0.24 -41.01
CA THR B 555 -13.58 -0.68 -39.90
C THR B 555 -13.21 0.48 -38.99
N GLU B 556 -14.22 1.25 -38.58
CA GLU B 556 -14.04 2.35 -37.65
C GLU B 556 -13.70 1.81 -36.26
N ILE B 557 -14.44 0.79 -35.83
CA ILE B 557 -14.19 0.10 -34.57
C ILE B 557 -12.74 -0.37 -34.52
N GLY B 558 -12.27 -0.89 -35.65
CA GLY B 558 -10.89 -1.30 -35.79
C GLY B 558 -9.91 -0.17 -35.56
N ILE B 559 -10.21 1.00 -36.11
CA ILE B 559 -9.36 2.17 -35.94
C ILE B 559 -9.28 2.60 -34.47
N HIS B 560 -10.45 2.78 -33.86
CA HIS B 560 -10.52 3.16 -32.45
C HIS B 560 -9.75 2.18 -31.56
N LEU B 561 -10.07 0.89 -31.70
CA LEU B 561 -9.45 -0.13 -30.86
C LEU B 561 -7.94 -0.24 -31.12
N ASN B 562 -7.52 -0.03 -32.36
CA ASN B 562 -6.10 -0.01 -32.67
C ASN B 562 -5.37 1.13 -31.99
N ALA B 563 -5.96 2.32 -32.06
CA ALA B 563 -5.42 3.49 -31.37
C ALA B 563 -5.30 3.23 -29.87
N TYR B 564 -6.36 2.66 -29.30
CA TYR B 564 -6.39 2.30 -27.90
C TYR B 564 -5.27 1.31 -27.55
N PHE B 565 -5.06 0.32 -28.40
CA PHE B 565 -4.03 -0.68 -28.18
C PHE B 565 -2.64 -0.07 -28.23
N LEU B 566 -2.44 0.86 -29.15
CA LEU B 566 -1.16 1.55 -29.27
C LEU B 566 -0.87 2.39 -28.03
N GLU B 567 -1.83 3.22 -27.65
CA GLU B 567 -1.69 4.09 -26.48
C GLU B 567 -1.46 3.28 -25.21
N THR B 568 -2.22 2.20 -25.05
CA THR B 568 -2.07 1.30 -23.91
C THR B 568 -0.69 0.66 -23.90
N SER B 569 -0.24 0.24 -25.08
CA SER B 569 1.08 -0.38 -25.24
C SER B 569 2.17 0.56 -24.76
N LYS B 570 2.14 1.81 -25.24
CA LYS B 570 3.09 2.81 -24.81
C LYS B 570 3.02 3.04 -23.30
N ARG B 571 1.81 3.29 -22.82
CA ARG B 571 1.57 3.56 -21.40
C ARG B 571 2.15 2.49 -20.50
N LEU B 572 1.90 1.23 -20.82
CA LEU B 572 2.45 0.12 -20.04
C LEU B 572 3.96 0.05 -20.19
N ALA B 573 4.43 0.23 -21.42
CA ALA B 573 5.85 0.19 -21.74
C ALA B 573 6.65 1.18 -20.90
N ASN B 574 6.04 2.29 -20.55
CA ASN B 574 6.69 3.23 -19.65
C ASN B 574 6.39 2.94 -18.18
N GLN B 575 5.17 2.50 -17.90
CA GLN B 575 4.70 2.34 -16.52
C GLN B 575 5.37 1.21 -15.75
N ILE B 576 5.40 0.01 -16.34
CA ILE B 576 5.94 -1.15 -15.63
C ILE B 576 7.45 -1.00 -15.32
N PRO B 577 8.27 -0.59 -16.31
CA PRO B 577 9.66 -0.33 -15.96
C PRO B 577 9.83 0.77 -14.93
N PHE B 578 8.92 1.75 -14.91
CA PHE B 578 8.95 2.81 -13.91
C PHE B 578 8.76 2.23 -12.52
N ILE B 579 7.77 1.35 -12.36
CA ILE B 579 7.50 0.71 -11.09
C ILE B 579 8.68 -0.13 -10.64
N ILE B 580 9.13 -1.03 -11.51
CA ILE B 580 10.25 -1.91 -11.19
C ILE B 580 11.51 -1.14 -10.81
N GLN B 581 11.87 -0.16 -11.63
CA GLN B 581 13.04 0.66 -11.36
C GLN B 581 12.90 1.43 -10.04
N TYR B 582 11.75 2.06 -9.84
CA TYR B 582 11.51 2.86 -8.64
C TYR B 582 11.61 2.05 -7.36
N PHE B 583 11.02 0.86 -7.37
CA PHE B 583 10.97 0.05 -6.15
C PHE B 583 12.23 -0.78 -5.92
N MET B 584 12.86 -1.24 -6.98
CA MET B 584 14.01 -2.15 -6.86
C MET B 584 15.34 -1.41 -6.73
N LEU B 585 15.40 -0.19 -7.24
CA LEU B 585 16.65 0.59 -7.20
C LEU B 585 16.61 1.68 -6.14
N ARG B 586 15.72 2.64 -6.33
CA ARG B 586 15.66 3.81 -5.46
C ARG B 586 15.21 3.47 -4.04
N GLU B 587 14.02 2.89 -3.91
CA GLU B 587 13.46 2.58 -2.60
C GLU B 587 14.30 1.54 -1.84
N ASN B 588 14.74 0.52 -2.55
CA ASN B 588 15.60 -0.52 -1.98
C ASN B 588 16.91 0.06 -1.46
N GLY B 589 17.55 0.89 -2.28
CA GLY B 589 18.80 1.53 -1.91
C GLY B 589 18.64 2.46 -0.71
N ASP B 590 17.61 3.29 -0.74
CA ASP B 590 17.35 4.23 0.35
C ASP B 590 17.09 3.49 1.66
N SER B 591 16.20 2.50 1.61
CA SER B 591 15.90 1.70 2.79
C SER B 591 17.15 1.01 3.32
N LEU B 592 17.99 0.52 2.40
CA LEU B 592 19.25 -0.12 2.78
C LEU B 592 20.17 0.84 3.50
N GLN B 593 20.37 2.02 2.94
CA GLN B 593 21.24 3.04 3.55
C GLN B 593 20.73 3.47 4.92
N LYS B 594 19.42 3.69 5.01
CA LYS B 594 18.79 4.08 6.28
C LYS B 594 18.95 2.99 7.33
N ALA B 595 18.89 1.74 6.87
CA ALA B 595 19.11 0.60 7.76
C ALA B 595 20.57 0.55 8.22
N MET B 596 21.48 0.89 7.32
CA MET B 596 22.90 0.94 7.64
C MET B 596 23.17 2.00 8.70
N MET B 597 22.49 3.13 8.58
CA MET B 597 22.57 4.18 9.59
C MET B 597 21.94 3.71 10.89
N GLN B 598 20.90 2.90 10.77
CA GLN B 598 20.20 2.34 11.93
C GLN B 598 21.08 1.36 12.71
N ILE B 599 22.02 0.72 12.01
CA ILE B 599 22.90 -0.28 12.62
C ILE B 599 23.74 0.27 13.78
N LEU B 600 24.36 1.43 13.58
CA LEU B 600 25.30 1.96 14.56
C LEU B 600 24.63 2.60 15.78
N GLN B 601 23.31 2.45 15.88
CA GLN B 601 22.57 2.98 17.02
C GLN B 601 22.89 2.21 18.30
N GLU B 602 23.23 0.94 18.17
CA GLU B 602 23.55 0.09 19.31
C GLU B 602 25.06 0.03 19.55
N LYS B 603 25.50 0.63 20.65
CA LYS B 603 26.93 0.74 20.96
C LYS B 603 27.57 -0.62 21.27
N ASN B 604 26.94 -1.37 22.16
CA ASN B 604 27.50 -2.64 22.64
C ASN B 604 27.60 -3.72 21.55
N ARG B 605 27.10 -3.40 20.36
CA ARG B 605 27.16 -4.32 19.24
C ARG B 605 28.44 -4.10 18.42
N TYR B 606 29.04 -2.91 18.59
CA TYR B 606 30.20 -2.51 17.79
C TYR B 606 31.32 -3.55 17.79
N SER B 607 31.74 -3.95 18.99
CA SER B 607 32.80 -4.93 19.16
C SER B 607 32.44 -6.25 18.47
N TRP B 608 31.16 -6.59 18.50
CA TRP B 608 30.68 -7.79 17.83
C TRP B 608 30.71 -7.63 16.32
N LEU B 609 30.42 -6.42 15.86
CA LEU B 609 30.38 -6.13 14.42
C LEU B 609 31.79 -6.17 13.82
N LEU B 610 32.71 -5.44 14.43
CA LEU B 610 34.08 -5.37 13.93
C LEU B 610 34.93 -6.53 14.42
N GLN B 611 34.53 -7.73 14.03
CA GLN B 611 35.25 -8.95 14.40
C GLN B 611 36.16 -9.41 13.25
N GLU B 612 37.46 -9.45 13.52
CA GLU B 612 38.45 -9.82 12.51
C GLU B 612 38.40 -11.30 12.15
N GLN B 613 39.20 -11.69 11.18
CA GLN B 613 39.14 -13.04 10.59
C GLN B 613 39.38 -14.26 11.50
N SER B 614 40.32 -14.25 12.46
CA SER B 614 41.29 -13.19 12.72
C SER B 614 42.65 -13.52 12.09
N GLU B 615 42.64 -14.42 11.12
CA GLU B 615 43.84 -14.76 10.34
C GLU B 615 44.57 -13.54 9.79
N THR B 616 43.81 -12.50 9.45
CA THR B 616 44.38 -11.27 8.92
C THR B 616 45.23 -10.56 9.96
N ALA B 617 44.91 -10.75 11.24
CA ALA B 617 45.69 -10.17 12.32
C ALA B 617 47.06 -10.83 12.40
N THR B 618 47.06 -12.16 12.33
CA THR B 618 48.30 -12.93 12.33
C THR B 618 49.16 -12.58 11.11
N LYS B 619 48.52 -12.50 9.95
CA LYS B 619 49.19 -12.10 8.73
C LYS B 619 49.82 -10.72 8.89
N ARG B 620 49.08 -9.82 9.54
CA ARG B 620 49.57 -8.48 9.81
C ARG B 620 50.78 -8.48 10.73
N ARG B 621 50.74 -9.33 11.74
CA ARG B 621 51.86 -9.49 12.66
C ARG B 621 53.11 -9.95 11.91
N ILE B 622 52.94 -10.97 11.07
CA ILE B 622 54.03 -11.51 10.26
C ILE B 622 54.61 -10.44 9.35
N LEU B 623 53.74 -9.71 8.68
CA LEU B 623 54.16 -8.62 7.79
C LEU B 623 54.90 -7.52 8.54
N LYS B 624 54.44 -7.22 9.75
CA LYS B 624 55.05 -6.19 10.58
C LYS B 624 56.46 -6.60 10.99
N GLU B 625 56.60 -7.82 11.49
CA GLU B 625 57.91 -8.34 11.86
C GLU B 625 58.85 -8.34 10.65
N ARG B 626 58.32 -8.79 9.51
CA ARG B 626 59.06 -8.81 8.26
C ARG B 626 59.59 -7.42 7.91
N ILE B 627 58.70 -6.42 7.93
CA ILE B 627 59.06 -5.05 7.61
C ILE B 627 60.13 -4.52 8.56
N TYR B 628 59.94 -4.73 9.86
CA TYR B 628 60.91 -4.30 10.87
C TYR B 628 62.29 -4.90 10.59
N ARG B 629 62.32 -6.22 10.39
CA ARG B 629 63.57 -6.92 10.11
C ARG B 629 64.24 -6.40 8.84
N LEU B 630 63.43 -6.10 7.82
CA LEU B 630 63.94 -5.58 6.55
C LEU B 630 64.53 -4.19 6.74
N THR B 631 63.90 -3.39 7.59
CA THR B 631 64.43 -2.07 7.91
C THR B 631 65.76 -2.21 8.65
N GLN B 632 65.86 -3.23 9.49
CA GLN B 632 67.13 -3.53 10.16
C GLN B 632 68.21 -3.90 9.14
N ALA B 633 67.81 -4.67 8.13
CA ALA B 633 68.72 -5.06 7.05
C ALA B 633 69.21 -3.83 6.29
N ARG B 634 68.28 -2.92 6.00
CA ARG B 634 68.60 -1.67 5.32
C ARG B 634 69.55 -0.84 6.17
N HIS B 635 69.35 -0.89 7.49
CA HIS B 635 70.20 -0.17 8.43
C HIS B 635 71.64 -0.70 8.39
N ALA B 636 71.77 -2.03 8.49
CA ALA B 636 73.08 -2.66 8.44
C ALA B 636 73.79 -2.40 7.11
N LEU B 637 73.01 -2.44 6.03
CA LEU B 637 73.55 -2.15 4.70
C LEU B 637 74.03 -0.71 4.60
N CYS B 638 73.28 0.20 5.22
CA CYS B 638 73.65 1.61 5.28
C CYS B 638 74.94 1.79 6.06
N GLN B 639 75.10 1.02 7.13
CA GLN B 639 76.33 1.05 7.91
C GLN B 639 77.51 0.56 7.07
N PHE B 640 77.27 -0.50 6.30
CA PHE B 640 78.32 -1.05 5.44
C PHE B 640 78.74 -0.07 4.35
N SER B 641 77.76 0.59 3.72
CA SER B 641 78.03 1.54 2.66
C SER B 641 78.85 2.73 3.15
N SER B 642 78.62 3.12 4.39
CA SER B 642 79.35 4.23 5.00
C SER B 642 80.83 3.88 5.18
#